data_1AIL
# 
_entry.id   1AIL 
# 
_audit_conform.dict_name       mmcif_pdbx.dic 
_audit_conform.dict_version    5.385 
_audit_conform.dict_location   http://mmcif.pdb.org/dictionaries/ascii/mmcif_pdbx.dic 
# 
loop_
_database_2.database_id 
_database_2.database_code 
_database_2.pdbx_database_accession 
_database_2.pdbx_DOI 
PDB   1AIL         pdb_00001ail 10.2210/pdb1ail/pdb 
WWPDB D_1000170861 ?            ?                   
# 
loop_
_pdbx_audit_revision_history.ordinal 
_pdbx_audit_revision_history.data_content_type 
_pdbx_audit_revision_history.major_revision 
_pdbx_audit_revision_history.minor_revision 
_pdbx_audit_revision_history.revision_date 
1 'Structure model' 1 0 1997-10-22 
2 'Structure model' 1 1 2008-03-24 
3 'Structure model' 1 2 2011-07-13 
4 'Structure model' 1 3 2024-02-07 
# 
_pdbx_audit_revision_details.ordinal             1 
_pdbx_audit_revision_details.revision_ordinal    1 
_pdbx_audit_revision_details.data_content_type   'Structure model' 
_pdbx_audit_revision_details.provider            repository 
_pdbx_audit_revision_details.type                'Initial release' 
_pdbx_audit_revision_details.description         ? 
_pdbx_audit_revision_details.details             ? 
# 
loop_
_pdbx_audit_revision_group.ordinal 
_pdbx_audit_revision_group.revision_ordinal 
_pdbx_audit_revision_group.data_content_type 
_pdbx_audit_revision_group.group 
1 2 'Structure model' 'Version format compliance' 
2 3 'Structure model' 'Derived calculations'      
3 3 'Structure model' 'Version format compliance' 
4 4 'Structure model' 'Data collection'           
5 4 'Structure model' 'Database references'       
6 4 'Structure model' 'Structure summary'         
# 
loop_
_pdbx_audit_revision_category.ordinal 
_pdbx_audit_revision_category.revision_ordinal 
_pdbx_audit_revision_category.data_content_type 
_pdbx_audit_revision_category.category 
1 4 'Structure model' chem_comp_atom  
2 4 'Structure model' chem_comp_bond  
3 4 'Structure model' database_2      
4 4 'Structure model' struct_keywords 
# 
loop_
_pdbx_audit_revision_item.ordinal 
_pdbx_audit_revision_item.revision_ordinal 
_pdbx_audit_revision_item.data_content_type 
_pdbx_audit_revision_item.item 
1 4 'Structure model' '_database_2.pdbx_DOI'                
2 4 'Structure model' '_database_2.pdbx_database_accession' 
3 4 'Structure model' '_struct_keywords.text'               
# 
_pdbx_database_status.status_code                     REL 
_pdbx_database_status.entry_id                        1AIL 
_pdbx_database_status.recvd_initial_deposition_date   1997-04-21 
_pdbx_database_status.deposit_site                    ? 
_pdbx_database_status.process_site                    BNL 
_pdbx_database_status.status_code_sf                  REL 
_pdbx_database_status.status_code_mr                  ? 
_pdbx_database_status.SG_entry                        ? 
_pdbx_database_status.pdb_format_compatible           Y 
_pdbx_database_status.status_code_cs                  ? 
_pdbx_database_status.status_code_nmr_data            ? 
_pdbx_database_status.methods_development_category    ? 
# 
loop_
_audit_author.name 
_audit_author.pdbx_ordinal 
'Liu, J.'          1 
'Lynch, P.A.'      2 
'Chien, C.'        3 
'Montelione, G.T.' 4 
'Krug, R.M.'       5 
'Berman, H.M.'     6 
# 
_citation.id                        primary 
_citation.title                     'Crystal structure of the unique RNA-binding domain of the influenza virus NS1 protein.' 
_citation.journal_abbrev            Nat.Struct.Biol. 
_citation.journal_volume            4 
_citation.page_first                896 
_citation.page_last                 899 
_citation.year                      1997 
_citation.journal_id_ASTM           NSBIEW 
_citation.country                   US 
_citation.journal_id_ISSN           1072-8368 
_citation.journal_id_CSD            2024 
_citation.book_publisher            ? 
_citation.pdbx_database_id_PubMed   9360602 
_citation.pdbx_database_id_DOI      10.1038/nsb1197-896 
# 
loop_
_citation_author.citation_id 
_citation_author.name 
_citation_author.ordinal 
_citation_author.identifier_ORCID 
primary 'Liu, J.'          1 ? 
primary 'Lynch, P.A.'      2 ? 
primary 'Chien, C.Y.'      3 ? 
primary 'Montelione, G.T.' 4 ? 
primary 'Krug, R.M.'       5 ? 
primary 'Berman, H.M.'     6 ? 
# 
loop_
_entity.id 
_entity.type 
_entity.src_method 
_entity.pdbx_description 
_entity.formula_weight 
_entity.pdbx_number_of_molecules 
_entity.pdbx_ec 
_entity.pdbx_mutation 
_entity.pdbx_fragment 
_entity.details 
1 polymer nat 'NONSTRUCTURAL PROTEIN NS1' 8338.430 1  ? ? 'RNA-BINDING DOMAIN' ? 
2 water   nat water                       18.015   34 ? ? ?                    ? 
# 
_entity_poly.entity_id                      1 
_entity_poly.type                           'polypeptide(L)' 
_entity_poly.nstd_linkage                   no 
_entity_poly.nstd_monomer                   no 
_entity_poly.pdbx_seq_one_letter_code       MDSNTVSSFQVDCFLWHVRKQVVDQELGDAPFLDRLRRDQKSLRGRGSTLGLNIEAATHVGKQIVEKILKEED 
_entity_poly.pdbx_seq_one_letter_code_can   MDSNTVSSFQVDCFLWHVRKQVVDQELGDAPFLDRLRRDQKSLRGRGSTLGLNIEAATHVGKQIVEKILKEED 
_entity_poly.pdbx_strand_id                 A 
_entity_poly.pdbx_target_identifier         ? 
# 
_pdbx_entity_nonpoly.entity_id   2 
_pdbx_entity_nonpoly.name        water 
_pdbx_entity_nonpoly.comp_id     HOH 
# 
loop_
_entity_poly_seq.entity_id 
_entity_poly_seq.num 
_entity_poly_seq.mon_id 
_entity_poly_seq.hetero 
1 1  MET n 
1 2  ASP n 
1 3  SER n 
1 4  ASN n 
1 5  THR n 
1 6  VAL n 
1 7  SER n 
1 8  SER n 
1 9  PHE n 
1 10 GLN n 
1 11 VAL n 
1 12 ASP n 
1 13 CYS n 
1 14 PHE n 
1 15 LEU n 
1 16 TRP n 
1 17 HIS n 
1 18 VAL n 
1 19 ARG n 
1 20 LYS n 
1 21 GLN n 
1 22 VAL n 
1 23 VAL n 
1 24 ASP n 
1 25 GLN n 
1 26 GLU n 
1 27 LEU n 
1 28 GLY n 
1 29 ASP n 
1 30 ALA n 
1 31 PRO n 
1 32 PHE n 
1 33 LEU n 
1 34 ASP n 
1 35 ARG n 
1 36 LEU n 
1 37 ARG n 
1 38 ARG n 
1 39 ASP n 
1 40 GLN n 
1 41 LYS n 
1 42 SER n 
1 43 LEU n 
1 44 ARG n 
1 45 GLY n 
1 46 ARG n 
1 47 GLY n 
1 48 SER n 
1 49 THR n 
1 50 LEU n 
1 51 GLY n 
1 52 LEU n 
1 53 ASN n 
1 54 ILE n 
1 55 GLU n 
1 56 ALA n 
1 57 ALA n 
1 58 THR n 
1 59 HIS n 
1 60 VAL n 
1 61 GLY n 
1 62 LYS n 
1 63 GLN n 
1 64 ILE n 
1 65 VAL n 
1 66 GLU n 
1 67 LYS n 
1 68 ILE n 
1 69 LEU n 
1 70 LYS n 
1 71 GLU n 
1 72 GLU n 
1 73 ASP n 
# 
_entity_src_nat.entity_id                  1 
_entity_src_nat.pdbx_src_id                1 
_entity_src_nat.pdbx_alt_source_flag       sample 
_entity_src_nat.pdbx_beg_seq_num           ? 
_entity_src_nat.pdbx_end_seq_num           ? 
_entity_src_nat.common_name                ? 
_entity_src_nat.pdbx_organism_scientific   'Influenza A virus (A/Udorn/307/1972(H3N2))' 
_entity_src_nat.pdbx_ncbi_taxonomy_id      381517 
_entity_src_nat.genus                      'Influenzavirus A' 
_entity_src_nat.species                    'Influenza A virus' 
_entity_src_nat.strain                     'A/Udorn/307/72 H3N2' 
_entity_src_nat.tissue                     ? 
_entity_src_nat.tissue_fraction            ? 
_entity_src_nat.pdbx_secretion             ? 
_entity_src_nat.pdbx_fragment              ? 
_entity_src_nat.pdbx_variant               ? 
_entity_src_nat.pdbx_cell_line             ? 
_entity_src_nat.pdbx_atcc                  ? 
_entity_src_nat.pdbx_cellular_location     ? 
_entity_src_nat.pdbx_organ                 ? 
_entity_src_nat.pdbx_organelle             ? 
_entity_src_nat.pdbx_cell                  ? 
_entity_src_nat.pdbx_plasmid_name          ? 
_entity_src_nat.pdbx_plasmid_details       ? 
_entity_src_nat.details                    ? 
# 
loop_
_chem_comp.id 
_chem_comp.type 
_chem_comp.mon_nstd_flag 
_chem_comp.name 
_chem_comp.pdbx_synonyms 
_chem_comp.formula 
_chem_comp.formula_weight 
ALA 'L-peptide linking' y ALANINE         ? 'C3 H7 N O2'     89.093  
ARG 'L-peptide linking' y ARGININE        ? 'C6 H15 N4 O2 1' 175.209 
ASN 'L-peptide linking' y ASPARAGINE      ? 'C4 H8 N2 O3'    132.118 
ASP 'L-peptide linking' y 'ASPARTIC ACID' ? 'C4 H7 N O4'     133.103 
CYS 'L-peptide linking' y CYSTEINE        ? 'C3 H7 N O2 S'   121.158 
GLN 'L-peptide linking' y GLUTAMINE       ? 'C5 H10 N2 O3'   146.144 
GLU 'L-peptide linking' y 'GLUTAMIC ACID' ? 'C5 H9 N O4'     147.129 
GLY 'peptide linking'   y GLYCINE         ? 'C2 H5 N O2'     75.067  
HIS 'L-peptide linking' y HISTIDINE       ? 'C6 H10 N3 O2 1' 156.162 
HOH non-polymer         . WATER           ? 'H2 O'           18.015  
ILE 'L-peptide linking' y ISOLEUCINE      ? 'C6 H13 N O2'    131.173 
LEU 'L-peptide linking' y LEUCINE         ? 'C6 H13 N O2'    131.173 
LYS 'L-peptide linking' y LYSINE          ? 'C6 H15 N2 O2 1' 147.195 
MET 'L-peptide linking' y METHIONINE      ? 'C5 H11 N O2 S'  149.211 
PHE 'L-peptide linking' y PHENYLALANINE   ? 'C9 H11 N O2'    165.189 
PRO 'L-peptide linking' y PROLINE         ? 'C5 H9 N O2'     115.130 
SER 'L-peptide linking' y SERINE          ? 'C3 H7 N O3'     105.093 
THR 'L-peptide linking' y THREONINE       ? 'C4 H9 N O3'     119.119 
TRP 'L-peptide linking' y TRYPTOPHAN      ? 'C11 H12 N2 O2'  204.225 
VAL 'L-peptide linking' y VALINE          ? 'C5 H11 N O2'    117.146 
# 
loop_
_pdbx_poly_seq_scheme.asym_id 
_pdbx_poly_seq_scheme.entity_id 
_pdbx_poly_seq_scheme.seq_id 
_pdbx_poly_seq_scheme.mon_id 
_pdbx_poly_seq_scheme.ndb_seq_num 
_pdbx_poly_seq_scheme.pdb_seq_num 
_pdbx_poly_seq_scheme.auth_seq_num 
_pdbx_poly_seq_scheme.pdb_mon_id 
_pdbx_poly_seq_scheme.auth_mon_id 
_pdbx_poly_seq_scheme.pdb_strand_id 
_pdbx_poly_seq_scheme.pdb_ins_code 
_pdbx_poly_seq_scheme.hetero 
A 1 1  MET 1  1  1  MET MET A . n 
A 1 2  ASP 2  2  2  ASP ASP A . n 
A 1 3  SER 3  3  3  SER SER A . n 
A 1 4  ASN 4  4  4  ASN ASN A . n 
A 1 5  THR 5  5  5  THR THR A . n 
A 1 6  VAL 6  6  6  VAL VAL A . n 
A 1 7  SER 7  7  7  SER SER A . n 
A 1 8  SER 8  8  8  SER SER A . n 
A 1 9  PHE 9  9  9  PHE PHE A . n 
A 1 10 GLN 10 10 10 GLN GLN A . n 
A 1 11 VAL 11 11 11 VAL VAL A . n 
A 1 12 ASP 12 12 12 ASP ASP A . n 
A 1 13 CYS 13 13 13 CYS CYS A . n 
A 1 14 PHE 14 14 14 PHE PHE A . n 
A 1 15 LEU 15 15 15 LEU LEU A . n 
A 1 16 TRP 16 16 16 TRP TRP A . n 
A 1 17 HIS 17 17 17 HIS HIS A . n 
A 1 18 VAL 18 18 18 VAL VAL A . n 
A 1 19 ARG 19 19 19 ARG ARG A . n 
A 1 20 LYS 20 20 20 LYS LYS A . n 
A 1 21 GLN 21 21 21 GLN GLN A . n 
A 1 22 VAL 22 22 22 VAL VAL A . n 
A 1 23 VAL 23 23 23 VAL VAL A . n 
A 1 24 ASP 24 24 24 ASP ASP A . n 
A 1 25 GLN 25 25 25 GLN GLN A . n 
A 1 26 GLU 26 26 26 GLU GLU A . n 
A 1 27 LEU 27 27 27 LEU LEU A . n 
A 1 28 GLY 28 28 28 GLY GLY A . n 
A 1 29 ASP 29 29 29 ASP ASP A . n 
A 1 30 ALA 30 30 30 ALA ALA A . n 
A 1 31 PRO 31 31 31 PRO PRO A . n 
A 1 32 PHE 32 32 32 PHE PHE A . n 
A 1 33 LEU 33 33 33 LEU LEU A . n 
A 1 34 ASP 34 34 34 ASP ASP A . n 
A 1 35 ARG 35 35 35 ARG ARG A . n 
A 1 36 LEU 36 36 36 LEU LEU A . n 
A 1 37 ARG 37 37 37 ARG ARG A . n 
A 1 38 ARG 38 38 38 ARG ARG A . n 
A 1 39 ASP 39 39 39 ASP ASP A . n 
A 1 40 GLN 40 40 40 GLN GLN A . n 
A 1 41 LYS 41 41 41 LYS LYS A . n 
A 1 42 SER 42 42 42 SER SER A . n 
A 1 43 LEU 43 43 43 LEU LEU A . n 
A 1 44 ARG 44 44 44 ARG ARG A . n 
A 1 45 GLY 45 45 45 GLY GLY A . n 
A 1 46 ARG 46 46 46 ARG ARG A . n 
A 1 47 GLY 47 47 47 GLY GLY A . n 
A 1 48 SER 48 48 48 SER SER A . n 
A 1 49 THR 49 49 49 THR THR A . n 
A 1 50 LEU 50 50 50 LEU LEU A . n 
A 1 51 GLY 51 51 51 GLY GLY A . n 
A 1 52 LEU 52 52 52 LEU LEU A . n 
A 1 53 ASN 53 53 53 ASN ASN A . n 
A 1 54 ILE 54 54 54 ILE ILE A . n 
A 1 55 GLU 55 55 55 GLU GLU A . n 
A 1 56 ALA 56 56 56 ALA ALA A . n 
A 1 57 ALA 57 57 57 ALA ALA A . n 
A 1 58 THR 58 58 58 THR THR A . n 
A 1 59 HIS 59 59 59 HIS HIS A . n 
A 1 60 VAL 60 60 60 VAL VAL A . n 
A 1 61 GLY 61 61 61 GLY GLY A . n 
A 1 62 LYS 62 62 62 LYS LYS A . n 
A 1 63 GLN 63 63 63 GLN GLN A . n 
A 1 64 ILE 64 64 64 ILE ILE A . n 
A 1 65 VAL 65 65 65 VAL VAL A . n 
A 1 66 GLU 66 66 66 GLU GLU A . n 
A 1 67 LYS 67 67 67 LYS LYS A . n 
A 1 68 ILE 68 68 68 ILE ILE A . n 
A 1 69 LEU 69 69 69 LEU LEU A . n 
A 1 70 LYS 70 70 70 LYS LYS A . n 
A 1 71 GLU 71 71 ?  ?   ?   A . n 
A 1 72 GLU 72 72 ?  ?   ?   A . n 
A 1 73 ASP 73 73 ?  ?   ?   A . n 
# 
loop_
_pdbx_nonpoly_scheme.asym_id 
_pdbx_nonpoly_scheme.entity_id 
_pdbx_nonpoly_scheme.mon_id 
_pdbx_nonpoly_scheme.ndb_seq_num 
_pdbx_nonpoly_scheme.pdb_seq_num 
_pdbx_nonpoly_scheme.auth_seq_num 
_pdbx_nonpoly_scheme.pdb_mon_id 
_pdbx_nonpoly_scheme.auth_mon_id 
_pdbx_nonpoly_scheme.pdb_strand_id 
_pdbx_nonpoly_scheme.pdb_ins_code 
B 2 HOH 1  101 101 HOH HOH A . 
B 2 HOH 2  102 102 HOH HOH A . 
B 2 HOH 3  103 103 HOH HOH A . 
B 2 HOH 4  104 104 HOH HOH A . 
B 2 HOH 5  105 105 HOH HOH A . 
B 2 HOH 6  106 106 HOH HOH A . 
B 2 HOH 7  107 107 HOH HOH A . 
B 2 HOH 8  108 108 HOH HOH A . 
B 2 HOH 9  109 109 HOH HOH A . 
B 2 HOH 10 110 110 HOH HOH A . 
B 2 HOH 11 111 111 HOH HOH A . 
B 2 HOH 12 112 112 HOH HOH A . 
B 2 HOH 13 113 113 HOH HOH A . 
B 2 HOH 14 114 114 HOH HOH A . 
B 2 HOH 15 115 115 HOH HOH A . 
B 2 HOH 16 116 116 HOH HOH A . 
B 2 HOH 17 117 117 HOH HOH A . 
B 2 HOH 18 118 118 HOH HOH A . 
B 2 HOH 19 119 119 HOH HOH A . 
B 2 HOH 20 120 120 HOH HOH A . 
B 2 HOH 21 121 121 HOH HOH A . 
B 2 HOH 22 122 122 HOH HOH A . 
B 2 HOH 23 123 123 HOH HOH A . 
B 2 HOH 24 124 124 HOH HOH A . 
B 2 HOH 25 125 125 HOH HOH A . 
B 2 HOH 26 126 126 HOH HOH A . 
B 2 HOH 27 127 127 HOH HOH A . 
B 2 HOH 28 128 128 HOH HOH A . 
B 2 HOH 29 129 129 HOH HOH A . 
B 2 HOH 30 130 130 HOH HOH A . 
B 2 HOH 31 131 131 HOH HOH A . 
B 2 HOH 32 132 132 HOH HOH A . 
B 2 HOH 33 133 133 HOH HOH A . 
B 2 HOH 34 134 134 HOH HOH A . 
# 
loop_
_software.name 
_software.classification 
_software.version 
_software.citation_id 
_software.pdbx_ordinal 
PHASES    phasing          . ? 1 
SOLOMON   phasing          . ? 2 
REFMAC    refinement       . ? 3 
DENZO     'data reduction' . ? 4 
SCALEPACK 'data scaling'   . ? 5 
# 
_cell.entry_id           1AIL 
_cell.length_a           38.651 
_cell.length_b           38.651 
_cell.length_c           82.928 
_cell.angle_alpha        90.00 
_cell.angle_beta         90.00 
_cell.angle_gamma        90.00 
_cell.Z_PDB              8 
_cell.pdbx_unique_axis   ? 
# 
_symmetry.entry_id                         1AIL 
_symmetry.space_group_name_H-M             'P 43 21 2' 
_symmetry.pdbx_full_space_group_name_H-M   ? 
_symmetry.cell_setting                     ? 
_symmetry.Int_Tables_number                96 
# 
_exptl.entry_id          1AIL 
_exptl.method            'X-RAY DIFFRACTION' 
_exptl.crystals_number   4 
# 
_exptl_crystal.id                    1 
_exptl_crystal.density_meas          ? 
_exptl_crystal.density_Matthews      1.86 
_exptl_crystal.density_percent_sol   34. 
_exptl_crystal.description           ? 
# 
_exptl_crystal_grow.crystal_id      1 
_exptl_crystal_grow.method          ? 
_exptl_crystal_grow.temp            ? 
_exptl_crystal_grow.temp_details    ? 
_exptl_crystal_grow.pH              6.5 
_exptl_crystal_grow.pdbx_pH_range   '6.5 for native,8.0 for Mg derivative,6.5 for Pt derative' 
_exptl_crystal_grow.pdbx_details    
;NATIVE CRYSTALS WERE GROWN FROM 50MM NAH2PO4, 100MM NACL, 1MM NAN3 AT PH 6.5; MERCURY DERIVATIVE CRYSTAL WAS PREPARED BY SOAKING THE NATIVE CRYSTAL IN 2MM CH3HGCL WITH 10% PEG 6000 AT PH 8.0; PLATINUM DERIVATIVE CRYSTAL WAS PREPARED BY SOAKING THE NATIVE CRYSTAL IN 4MM PT(NH3)2CL2 WITH 10% PEG 6000 AT PH 6.5.
;
# 
_diffrn.id                     1 
_diffrn.ambient_temp           298 
_diffrn.ambient_temp_details   ? 
_diffrn.crystal_id             1 
# 
_diffrn_detector.diffrn_id              1 
_diffrn_detector.detector               'IMAGE PLATE' 
_diffrn_detector.type                   'RIGAKU RAXIS IIC' 
_diffrn_detector.pdbx_collection_date   1996-01 
_diffrn_detector.details                MIRRORS 
# 
_diffrn_radiation.diffrn_id                        1 
_diffrn_radiation.wavelength_id                    1 
_diffrn_radiation.pdbx_monochromatic_or_laue_m_l   M 
_diffrn_radiation.monochromator                    ? 
_diffrn_radiation.pdbx_diffrn_protocol             ? 
_diffrn_radiation.pdbx_scattering_type             x-ray 
# 
_diffrn_radiation_wavelength.id           1 
_diffrn_radiation_wavelength.wavelength   1.5418 
_diffrn_radiation_wavelength.wt           1.0 
# 
_diffrn_source.diffrn_id                   1 
_diffrn_source.source                      'ROTATING ANODE' 
_diffrn_source.type                        'RIGAKU RUH2R' 
_diffrn_source.pdbx_synchrotron_site       ? 
_diffrn_source.pdbx_synchrotron_beamline   ? 
_diffrn_source.pdbx_wavelength             1.5418 
_diffrn_source.pdbx_wavelength_list        ? 
# 
_reflns.entry_id                     1AIL 
_reflns.observed_criterion_sigma_I   2. 
_reflns.observed_criterion_sigma_F   ? 
_reflns.d_resolution_low             20.0 
_reflns.d_resolution_high            1.90 
_reflns.number_obs                   5318 
_reflns.number_all                   ? 
_reflns.percent_possible_obs         98.2 
_reflns.pdbx_Rmerge_I_obs            ? 
_reflns.pdbx_Rsym_value              0.0650000 
_reflns.pdbx_netI_over_sigmaI        18. 
_reflns.B_iso_Wilson_estimate        ? 
_reflns.pdbx_redundancy              3.8 
_reflns.pdbx_ordinal                 1 
_reflns.pdbx_diffrn_id               1 
# 
_reflns_shell.d_res_high             1.90 
_reflns_shell.d_res_low              1.94 
_reflns_shell.percent_possible_all   90.7 
_reflns_shell.Rmerge_I_obs           ? 
_reflns_shell.pdbx_Rsym_value        0.2170000 
_reflns_shell.meanI_over_sigI_obs    4.9 
_reflns_shell.pdbx_redundancy        3.0 
_reflns_shell.pdbx_ordinal           1 
_reflns_shell.pdbx_diffrn_id         1 
# 
_refine.entry_id                                 1AIL 
_refine.ls_number_reflns_obs                     5104 
_refine.ls_number_reflns_all                     ? 
_refine.pdbx_ls_sigma_I                          ? 
_refine.pdbx_ls_sigma_F                          2.0 
_refine.pdbx_data_cutoff_high_absF               ? 
_refine.pdbx_data_cutoff_low_absF                ? 
_refine.pdbx_data_cutoff_high_rms_absF           ? 
_refine.ls_d_res_low                             20. 
_refine.ls_d_res_high                            1.9 
_refine.ls_percent_reflns_obs                    95. 
_refine.ls_R_factor_obs                          ? 
_refine.ls_R_factor_all                          ? 
_refine.ls_R_factor_R_work                       0.182 
_refine.ls_R_factor_R_free                       0.229 
_refine.ls_R_factor_R_free_error                 ? 
_refine.ls_R_factor_R_free_error_details         ? 
_refine.ls_percent_reflns_R_free                 10. 
_refine.ls_number_reflns_R_free                  494 
_refine.ls_number_parameters                     ? 
_refine.ls_number_restraints                     ? 
_refine.occupancy_min                            ? 
_refine.occupancy_max                            ? 
_refine.correlation_coeff_Fo_to_Fc               ? 
_refine.correlation_coeff_Fo_to_Fc_free          ? 
_refine.B_iso_mean                               ? 
_refine.aniso_B[1][1]                            ? 
_refine.aniso_B[2][2]                            ? 
_refine.aniso_B[3][3]                            ? 
_refine.aniso_B[1][2]                            ? 
_refine.aniso_B[1][3]                            ? 
_refine.aniso_B[2][3]                            ? 
_refine.solvent_model_details                    ? 
_refine.solvent_model_param_ksol                 ? 
_refine.solvent_model_param_bsol                 ? 
_refine.pdbx_solvent_vdw_probe_radii             ? 
_refine.pdbx_solvent_ion_probe_radii             ? 
_refine.pdbx_solvent_shrinkage_radii             ? 
_refine.pdbx_ls_cross_valid_method               ? 
_refine.details                                  ? 
_refine.pdbx_starting_model                      ? 
_refine.pdbx_method_to_determine_struct          MIRAS 
_refine.pdbx_isotropic_thermal_model             ? 
_refine.pdbx_stereochemistry_target_values       ? 
_refine.pdbx_stereochem_target_val_spec_case     ? 
_refine.pdbx_R_Free_selection_details            RANDOM 
_refine.pdbx_overall_ESU_R                       ? 
_refine.pdbx_overall_ESU_R_Free                  ? 
_refine.overall_SU_ML                            ? 
_refine.overall_SU_B                             ? 
_refine.pdbx_refine_id                           'X-RAY DIFFRACTION' 
_refine.pdbx_diffrn_id                           1 
_refine.pdbx_TLS_residual_ADP_flag               ? 
_refine.pdbx_overall_phase_error                 ? 
_refine.overall_SU_R_Cruickshank_DPI             ? 
_refine.pdbx_overall_SU_R_free_Cruickshank_DPI   ? 
_refine.pdbx_overall_SU_R_Blow_DPI               ? 
_refine.pdbx_overall_SU_R_free_Blow_DPI          ? 
# 
_refine_hist.pdbx_refine_id                   'X-RAY DIFFRACTION' 
_refine_hist.cycle_id                         LAST 
_refine_hist.pdbx_number_atoms_protein        558 
_refine_hist.pdbx_number_atoms_nucleic_acid   0 
_refine_hist.pdbx_number_atoms_ligand         0 
_refine_hist.number_atoms_solvent             34 
_refine_hist.number_atoms_total               592 
_refine_hist.d_res_high                       1.9 
_refine_hist.d_res_low                        20. 
# 
_struct.entry_id                  1AIL 
_struct.title                     'N-TERMINAL FRAGMENT OF NS1 PROTEIN FROM INFLUENZA A VIRUS' 
_struct.pdbx_model_details        ? 
_struct.pdbx_CASP_flag            ? 
_struct.pdbx_model_type_details   ? 
# 
_struct_keywords.entry_id        1AIL 
_struct_keywords.pdbx_keywords   'RNA BINDING PROTEIN' 
_struct_keywords.text            'RNA-BINDING PROTEIN, NONSTRUCTURAL PROTEIN, RNA BINDING PROTEIN' 
# 
loop_
_struct_asym.id 
_struct_asym.pdbx_blank_PDB_chainid_flag 
_struct_asym.pdbx_modified 
_struct_asym.entity_id 
_struct_asym.details 
A N N 1 ? 
B N N 2 ? 
# 
_struct_ref.id                         1 
_struct_ref.db_name                    UNP 
_struct_ref.db_code                    VNS1_IAUDO 
_struct_ref.entity_id                  1 
_struct_ref.pdbx_db_accession          P03495 
_struct_ref.pdbx_align_begin           1 
_struct_ref.pdbx_seq_one_letter_code   
;MDSNTVSSFQVDCFLWHVRKQVVDQELGDAPFLDRLRRDQKSLRGRGSTLGLNIEAATHVGKQIVEKILKEESDEALKMT
MASTPASRYITDMTIEELSRDWFMLMPKQKVEGPLCIRIDQAIMDKNIMLKANFSVIFDRLETLILLRAFTEEGAIVGEI
SPLPSFPGHTIEDVKNAIGVLIGGLEWNDNTVRVSKTLQRFAWGSSNENGRPPLTPKQKRKMARTARSKVRRDKMAD
;
_struct_ref.pdbx_db_isoform            ? 
# 
_struct_ref_seq.align_id                      1 
_struct_ref_seq.ref_id                        1 
_struct_ref_seq.pdbx_PDB_id_code              1AIL 
_struct_ref_seq.pdbx_strand_id                A 
_struct_ref_seq.seq_align_beg                 1 
_struct_ref_seq.pdbx_seq_align_beg_ins_code   ? 
_struct_ref_seq.seq_align_end                 72 
_struct_ref_seq.pdbx_seq_align_end_ins_code   ? 
_struct_ref_seq.pdbx_db_accession             P03495 
_struct_ref_seq.db_align_beg                  1 
_struct_ref_seq.pdbx_db_align_beg_ins_code    ? 
_struct_ref_seq.db_align_end                  72 
_struct_ref_seq.pdbx_db_align_end_ins_code    ? 
_struct_ref_seq.pdbx_auth_seq_align_beg       1 
_struct_ref_seq.pdbx_auth_seq_align_end       72 
# 
_pdbx_struct_assembly.id                   1 
_pdbx_struct_assembly.details              author_and_software_defined_assembly 
_pdbx_struct_assembly.method_details       PISA,PQS 
_pdbx_struct_assembly.oligomeric_details   dimeric 
_pdbx_struct_assembly.oligomeric_count     2 
# 
loop_
_pdbx_struct_assembly_prop.biol_id 
_pdbx_struct_assembly_prop.type 
_pdbx_struct_assembly_prop.value 
_pdbx_struct_assembly_prop.details 
1 'ABSA (A^2)' 2040 ? 
1 MORE         -16  ? 
1 'SSA (A^2)'  8120 ? 
# 
_pdbx_struct_assembly_gen.assembly_id       1 
_pdbx_struct_assembly_gen.oper_expression   1,2 
_pdbx_struct_assembly_gen.asym_id_list      A,B 
# 
loop_
_pdbx_struct_oper_list.id 
_pdbx_struct_oper_list.type 
_pdbx_struct_oper_list.name 
_pdbx_struct_oper_list.symmetry_operation 
_pdbx_struct_oper_list.matrix[1][1] 
_pdbx_struct_oper_list.matrix[1][2] 
_pdbx_struct_oper_list.matrix[1][3] 
_pdbx_struct_oper_list.vector[1] 
_pdbx_struct_oper_list.matrix[2][1] 
_pdbx_struct_oper_list.matrix[2][2] 
_pdbx_struct_oper_list.matrix[2][3] 
_pdbx_struct_oper_list.vector[2] 
_pdbx_struct_oper_list.matrix[3][1] 
_pdbx_struct_oper_list.matrix[3][2] 
_pdbx_struct_oper_list.matrix[3][3] 
_pdbx_struct_oper_list.vector[3] 
1 'identity operation'         1_555 x,y,z    1.0000000000  0.0000000000  0.0000000000 0.0000000000 0.0000000000  1.0000000000  0.0000000000  0.0000000000  0.0000000000 0.0000000000  1.0000000000  0.0000000000 
2 'crystal symmetry operation' 7_556 y,x,-z+1 -0.2416758953 -0.7083702312 0.6631774855 4.5773218316 -0.7083702312 -0.3382929789 -0.6194913043 11.6980293403 0.6631774855 -0.6194913043 -0.4200311259 7.2611666907 
# 
_struct_biol.id   1 
# 
loop_
_struct_conf.conf_type_id 
_struct_conf.id 
_struct_conf.pdbx_PDB_helix_id 
_struct_conf.beg_label_comp_id 
_struct_conf.beg_label_asym_id 
_struct_conf.beg_label_seq_id 
_struct_conf.pdbx_beg_PDB_ins_code 
_struct_conf.end_label_comp_id 
_struct_conf.end_label_asym_id 
_struct_conf.end_label_seq_id 
_struct_conf.pdbx_end_PDB_ins_code 
_struct_conf.beg_auth_comp_id 
_struct_conf.beg_auth_asym_id 
_struct_conf.beg_auth_seq_id 
_struct_conf.end_auth_comp_id 
_struct_conf.end_auth_asym_id 
_struct_conf.end_auth_seq_id 
_struct_conf.pdbx_PDB_helix_class 
_struct_conf.details 
_struct_conf.pdbx_PDB_helix_length 
HELX_P HELX_P1 1 SER A 3  ? GLN A 25 ? SER A 3  GLN A 25 1 ? 23 
HELX_P HELX_P2 2 ALA A 30 ? LEU A 50 ? ALA A 30 LEU A 50 1 ? 21 
HELX_P HELX_P3 3 ILE A 54 ? LEU A 69 ? ILE A 54 LEU A 69 1 ? 16 
# 
_struct_conf_type.id          HELX_P 
_struct_conf_type.criteria    ? 
_struct_conf_type.reference   ? 
# 
loop_
_pdbx_validate_rmsd_angle.id 
_pdbx_validate_rmsd_angle.PDB_model_num 
_pdbx_validate_rmsd_angle.auth_atom_id_1 
_pdbx_validate_rmsd_angle.auth_asym_id_1 
_pdbx_validate_rmsd_angle.auth_comp_id_1 
_pdbx_validate_rmsd_angle.auth_seq_id_1 
_pdbx_validate_rmsd_angle.PDB_ins_code_1 
_pdbx_validate_rmsd_angle.label_alt_id_1 
_pdbx_validate_rmsd_angle.auth_atom_id_2 
_pdbx_validate_rmsd_angle.auth_asym_id_2 
_pdbx_validate_rmsd_angle.auth_comp_id_2 
_pdbx_validate_rmsd_angle.auth_seq_id_2 
_pdbx_validate_rmsd_angle.PDB_ins_code_2 
_pdbx_validate_rmsd_angle.label_alt_id_2 
_pdbx_validate_rmsd_angle.auth_atom_id_3 
_pdbx_validate_rmsd_angle.auth_asym_id_3 
_pdbx_validate_rmsd_angle.auth_comp_id_3 
_pdbx_validate_rmsd_angle.auth_seq_id_3 
_pdbx_validate_rmsd_angle.PDB_ins_code_3 
_pdbx_validate_rmsd_angle.label_alt_id_3 
_pdbx_validate_rmsd_angle.angle_value 
_pdbx_validate_rmsd_angle.angle_target_value 
_pdbx_validate_rmsd_angle.angle_deviation 
_pdbx_validate_rmsd_angle.angle_standard_deviation 
_pdbx_validate_rmsd_angle.linker_flag 
1 1 CD A ARG 19 ? ? NE A ARG 19 ? ? CZ  A ARG 19 ? ? 132.72 123.60 9.12  1.40 N 
2 1 NE A ARG 19 ? ? CZ A ARG 19 ? ? NH1 A ARG 19 ? ? 124.18 120.30 3.88  0.50 N 
3 1 NE A ARG 19 ? ? CZ A ARG 19 ? ? NH2 A ARG 19 ? ? 116.62 120.30 -3.68 0.50 N 
# 
loop_
_pdbx_unobs_or_zero_occ_residues.id 
_pdbx_unobs_or_zero_occ_residues.PDB_model_num 
_pdbx_unobs_or_zero_occ_residues.polymer_flag 
_pdbx_unobs_or_zero_occ_residues.occupancy_flag 
_pdbx_unobs_or_zero_occ_residues.auth_asym_id 
_pdbx_unobs_or_zero_occ_residues.auth_comp_id 
_pdbx_unobs_or_zero_occ_residues.auth_seq_id 
_pdbx_unobs_or_zero_occ_residues.PDB_ins_code 
_pdbx_unobs_or_zero_occ_residues.label_asym_id 
_pdbx_unobs_or_zero_occ_residues.label_comp_id 
_pdbx_unobs_or_zero_occ_residues.label_seq_id 
1 1 Y 1 A GLU 71 ? A GLU 71 
2 1 Y 1 A GLU 72 ? A GLU 72 
3 1 Y 1 A ASP 73 ? A ASP 73 
# 
loop_
_chem_comp_atom.comp_id 
_chem_comp_atom.atom_id 
_chem_comp_atom.type_symbol 
_chem_comp_atom.pdbx_aromatic_flag 
_chem_comp_atom.pdbx_stereo_config 
_chem_comp_atom.pdbx_ordinal 
ALA N    N N N 1   
ALA CA   C N S 2   
ALA C    C N N 3   
ALA O    O N N 4   
ALA CB   C N N 5   
ALA OXT  O N N 6   
ALA H    H N N 7   
ALA H2   H N N 8   
ALA HA   H N N 9   
ALA HB1  H N N 10  
ALA HB2  H N N 11  
ALA HB3  H N N 12  
ALA HXT  H N N 13  
ARG N    N N N 14  
ARG CA   C N S 15  
ARG C    C N N 16  
ARG O    O N N 17  
ARG CB   C N N 18  
ARG CG   C N N 19  
ARG CD   C N N 20  
ARG NE   N N N 21  
ARG CZ   C N N 22  
ARG NH1  N N N 23  
ARG NH2  N N N 24  
ARG OXT  O N N 25  
ARG H    H N N 26  
ARG H2   H N N 27  
ARG HA   H N N 28  
ARG HB2  H N N 29  
ARG HB3  H N N 30  
ARG HG2  H N N 31  
ARG HG3  H N N 32  
ARG HD2  H N N 33  
ARG HD3  H N N 34  
ARG HE   H N N 35  
ARG HH11 H N N 36  
ARG HH12 H N N 37  
ARG HH21 H N N 38  
ARG HH22 H N N 39  
ARG HXT  H N N 40  
ASN N    N N N 41  
ASN CA   C N S 42  
ASN C    C N N 43  
ASN O    O N N 44  
ASN CB   C N N 45  
ASN CG   C N N 46  
ASN OD1  O N N 47  
ASN ND2  N N N 48  
ASN OXT  O N N 49  
ASN H    H N N 50  
ASN H2   H N N 51  
ASN HA   H N N 52  
ASN HB2  H N N 53  
ASN HB3  H N N 54  
ASN HD21 H N N 55  
ASN HD22 H N N 56  
ASN HXT  H N N 57  
ASP N    N N N 58  
ASP CA   C N S 59  
ASP C    C N N 60  
ASP O    O N N 61  
ASP CB   C N N 62  
ASP CG   C N N 63  
ASP OD1  O N N 64  
ASP OD2  O N N 65  
ASP OXT  O N N 66  
ASP H    H N N 67  
ASP H2   H N N 68  
ASP HA   H N N 69  
ASP HB2  H N N 70  
ASP HB3  H N N 71  
ASP HD2  H N N 72  
ASP HXT  H N N 73  
CYS N    N N N 74  
CYS CA   C N R 75  
CYS C    C N N 76  
CYS O    O N N 77  
CYS CB   C N N 78  
CYS SG   S N N 79  
CYS OXT  O N N 80  
CYS H    H N N 81  
CYS H2   H N N 82  
CYS HA   H N N 83  
CYS HB2  H N N 84  
CYS HB3  H N N 85  
CYS HG   H N N 86  
CYS HXT  H N N 87  
GLN N    N N N 88  
GLN CA   C N S 89  
GLN C    C N N 90  
GLN O    O N N 91  
GLN CB   C N N 92  
GLN CG   C N N 93  
GLN CD   C N N 94  
GLN OE1  O N N 95  
GLN NE2  N N N 96  
GLN OXT  O N N 97  
GLN H    H N N 98  
GLN H2   H N N 99  
GLN HA   H N N 100 
GLN HB2  H N N 101 
GLN HB3  H N N 102 
GLN HG2  H N N 103 
GLN HG3  H N N 104 
GLN HE21 H N N 105 
GLN HE22 H N N 106 
GLN HXT  H N N 107 
GLU N    N N N 108 
GLU CA   C N S 109 
GLU C    C N N 110 
GLU O    O N N 111 
GLU CB   C N N 112 
GLU CG   C N N 113 
GLU CD   C N N 114 
GLU OE1  O N N 115 
GLU OE2  O N N 116 
GLU OXT  O N N 117 
GLU H    H N N 118 
GLU H2   H N N 119 
GLU HA   H N N 120 
GLU HB2  H N N 121 
GLU HB3  H N N 122 
GLU HG2  H N N 123 
GLU HG3  H N N 124 
GLU HE2  H N N 125 
GLU HXT  H N N 126 
GLY N    N N N 127 
GLY CA   C N N 128 
GLY C    C N N 129 
GLY O    O N N 130 
GLY OXT  O N N 131 
GLY H    H N N 132 
GLY H2   H N N 133 
GLY HA2  H N N 134 
GLY HA3  H N N 135 
GLY HXT  H N N 136 
HIS N    N N N 137 
HIS CA   C N S 138 
HIS C    C N N 139 
HIS O    O N N 140 
HIS CB   C N N 141 
HIS CG   C Y N 142 
HIS ND1  N Y N 143 
HIS CD2  C Y N 144 
HIS CE1  C Y N 145 
HIS NE2  N Y N 146 
HIS OXT  O N N 147 
HIS H    H N N 148 
HIS H2   H N N 149 
HIS HA   H N N 150 
HIS HB2  H N N 151 
HIS HB3  H N N 152 
HIS HD1  H N N 153 
HIS HD2  H N N 154 
HIS HE1  H N N 155 
HIS HE2  H N N 156 
HIS HXT  H N N 157 
HOH O    O N N 158 
HOH H1   H N N 159 
HOH H2   H N N 160 
ILE N    N N N 161 
ILE CA   C N S 162 
ILE C    C N N 163 
ILE O    O N N 164 
ILE CB   C N S 165 
ILE CG1  C N N 166 
ILE CG2  C N N 167 
ILE CD1  C N N 168 
ILE OXT  O N N 169 
ILE H    H N N 170 
ILE H2   H N N 171 
ILE HA   H N N 172 
ILE HB   H N N 173 
ILE HG12 H N N 174 
ILE HG13 H N N 175 
ILE HG21 H N N 176 
ILE HG22 H N N 177 
ILE HG23 H N N 178 
ILE HD11 H N N 179 
ILE HD12 H N N 180 
ILE HD13 H N N 181 
ILE HXT  H N N 182 
LEU N    N N N 183 
LEU CA   C N S 184 
LEU C    C N N 185 
LEU O    O N N 186 
LEU CB   C N N 187 
LEU CG   C N N 188 
LEU CD1  C N N 189 
LEU CD2  C N N 190 
LEU OXT  O N N 191 
LEU H    H N N 192 
LEU H2   H N N 193 
LEU HA   H N N 194 
LEU HB2  H N N 195 
LEU HB3  H N N 196 
LEU HG   H N N 197 
LEU HD11 H N N 198 
LEU HD12 H N N 199 
LEU HD13 H N N 200 
LEU HD21 H N N 201 
LEU HD22 H N N 202 
LEU HD23 H N N 203 
LEU HXT  H N N 204 
LYS N    N N N 205 
LYS CA   C N S 206 
LYS C    C N N 207 
LYS O    O N N 208 
LYS CB   C N N 209 
LYS CG   C N N 210 
LYS CD   C N N 211 
LYS CE   C N N 212 
LYS NZ   N N N 213 
LYS OXT  O N N 214 
LYS H    H N N 215 
LYS H2   H N N 216 
LYS HA   H N N 217 
LYS HB2  H N N 218 
LYS HB3  H N N 219 
LYS HG2  H N N 220 
LYS HG3  H N N 221 
LYS HD2  H N N 222 
LYS HD3  H N N 223 
LYS HE2  H N N 224 
LYS HE3  H N N 225 
LYS HZ1  H N N 226 
LYS HZ2  H N N 227 
LYS HZ3  H N N 228 
LYS HXT  H N N 229 
MET N    N N N 230 
MET CA   C N S 231 
MET C    C N N 232 
MET O    O N N 233 
MET CB   C N N 234 
MET CG   C N N 235 
MET SD   S N N 236 
MET CE   C N N 237 
MET OXT  O N N 238 
MET H    H N N 239 
MET H2   H N N 240 
MET HA   H N N 241 
MET HB2  H N N 242 
MET HB3  H N N 243 
MET HG2  H N N 244 
MET HG3  H N N 245 
MET HE1  H N N 246 
MET HE2  H N N 247 
MET HE3  H N N 248 
MET HXT  H N N 249 
PHE N    N N N 250 
PHE CA   C N S 251 
PHE C    C N N 252 
PHE O    O N N 253 
PHE CB   C N N 254 
PHE CG   C Y N 255 
PHE CD1  C Y N 256 
PHE CD2  C Y N 257 
PHE CE1  C Y N 258 
PHE CE2  C Y N 259 
PHE CZ   C Y N 260 
PHE OXT  O N N 261 
PHE H    H N N 262 
PHE H2   H N N 263 
PHE HA   H N N 264 
PHE HB2  H N N 265 
PHE HB3  H N N 266 
PHE HD1  H N N 267 
PHE HD2  H N N 268 
PHE HE1  H N N 269 
PHE HE2  H N N 270 
PHE HZ   H N N 271 
PHE HXT  H N N 272 
PRO N    N N N 273 
PRO CA   C N S 274 
PRO C    C N N 275 
PRO O    O N N 276 
PRO CB   C N N 277 
PRO CG   C N N 278 
PRO CD   C N N 279 
PRO OXT  O N N 280 
PRO H    H N N 281 
PRO HA   H N N 282 
PRO HB2  H N N 283 
PRO HB3  H N N 284 
PRO HG2  H N N 285 
PRO HG3  H N N 286 
PRO HD2  H N N 287 
PRO HD3  H N N 288 
PRO HXT  H N N 289 
SER N    N N N 290 
SER CA   C N S 291 
SER C    C N N 292 
SER O    O N N 293 
SER CB   C N N 294 
SER OG   O N N 295 
SER OXT  O N N 296 
SER H    H N N 297 
SER H2   H N N 298 
SER HA   H N N 299 
SER HB2  H N N 300 
SER HB3  H N N 301 
SER HG   H N N 302 
SER HXT  H N N 303 
THR N    N N N 304 
THR CA   C N S 305 
THR C    C N N 306 
THR O    O N N 307 
THR CB   C N R 308 
THR OG1  O N N 309 
THR CG2  C N N 310 
THR OXT  O N N 311 
THR H    H N N 312 
THR H2   H N N 313 
THR HA   H N N 314 
THR HB   H N N 315 
THR HG1  H N N 316 
THR HG21 H N N 317 
THR HG22 H N N 318 
THR HG23 H N N 319 
THR HXT  H N N 320 
TRP N    N N N 321 
TRP CA   C N S 322 
TRP C    C N N 323 
TRP O    O N N 324 
TRP CB   C N N 325 
TRP CG   C Y N 326 
TRP CD1  C Y N 327 
TRP CD2  C Y N 328 
TRP NE1  N Y N 329 
TRP CE2  C Y N 330 
TRP CE3  C Y N 331 
TRP CZ2  C Y N 332 
TRP CZ3  C Y N 333 
TRP CH2  C Y N 334 
TRP OXT  O N N 335 
TRP H    H N N 336 
TRP H2   H N N 337 
TRP HA   H N N 338 
TRP HB2  H N N 339 
TRP HB3  H N N 340 
TRP HD1  H N N 341 
TRP HE1  H N N 342 
TRP HE3  H N N 343 
TRP HZ2  H N N 344 
TRP HZ3  H N N 345 
TRP HH2  H N N 346 
TRP HXT  H N N 347 
VAL N    N N N 348 
VAL CA   C N S 349 
VAL C    C N N 350 
VAL O    O N N 351 
VAL CB   C N N 352 
VAL CG1  C N N 353 
VAL CG2  C N N 354 
VAL OXT  O N N 355 
VAL H    H N N 356 
VAL H2   H N N 357 
VAL HA   H N N 358 
VAL HB   H N N 359 
VAL HG11 H N N 360 
VAL HG12 H N N 361 
VAL HG13 H N N 362 
VAL HG21 H N N 363 
VAL HG22 H N N 364 
VAL HG23 H N N 365 
VAL HXT  H N N 366 
# 
loop_
_chem_comp_bond.comp_id 
_chem_comp_bond.atom_id_1 
_chem_comp_bond.atom_id_2 
_chem_comp_bond.value_order 
_chem_comp_bond.pdbx_aromatic_flag 
_chem_comp_bond.pdbx_stereo_config 
_chem_comp_bond.pdbx_ordinal 
ALA N   CA   sing N N 1   
ALA N   H    sing N N 2   
ALA N   H2   sing N N 3   
ALA CA  C    sing N N 4   
ALA CA  CB   sing N N 5   
ALA CA  HA   sing N N 6   
ALA C   O    doub N N 7   
ALA C   OXT  sing N N 8   
ALA CB  HB1  sing N N 9   
ALA CB  HB2  sing N N 10  
ALA CB  HB3  sing N N 11  
ALA OXT HXT  sing N N 12  
ARG N   CA   sing N N 13  
ARG N   H    sing N N 14  
ARG N   H2   sing N N 15  
ARG CA  C    sing N N 16  
ARG CA  CB   sing N N 17  
ARG CA  HA   sing N N 18  
ARG C   O    doub N N 19  
ARG C   OXT  sing N N 20  
ARG CB  CG   sing N N 21  
ARG CB  HB2  sing N N 22  
ARG CB  HB3  sing N N 23  
ARG CG  CD   sing N N 24  
ARG CG  HG2  sing N N 25  
ARG CG  HG3  sing N N 26  
ARG CD  NE   sing N N 27  
ARG CD  HD2  sing N N 28  
ARG CD  HD3  sing N N 29  
ARG NE  CZ   sing N N 30  
ARG NE  HE   sing N N 31  
ARG CZ  NH1  sing N N 32  
ARG CZ  NH2  doub N N 33  
ARG NH1 HH11 sing N N 34  
ARG NH1 HH12 sing N N 35  
ARG NH2 HH21 sing N N 36  
ARG NH2 HH22 sing N N 37  
ARG OXT HXT  sing N N 38  
ASN N   CA   sing N N 39  
ASN N   H    sing N N 40  
ASN N   H2   sing N N 41  
ASN CA  C    sing N N 42  
ASN CA  CB   sing N N 43  
ASN CA  HA   sing N N 44  
ASN C   O    doub N N 45  
ASN C   OXT  sing N N 46  
ASN CB  CG   sing N N 47  
ASN CB  HB2  sing N N 48  
ASN CB  HB3  sing N N 49  
ASN CG  OD1  doub N N 50  
ASN CG  ND2  sing N N 51  
ASN ND2 HD21 sing N N 52  
ASN ND2 HD22 sing N N 53  
ASN OXT HXT  sing N N 54  
ASP N   CA   sing N N 55  
ASP N   H    sing N N 56  
ASP N   H2   sing N N 57  
ASP CA  C    sing N N 58  
ASP CA  CB   sing N N 59  
ASP CA  HA   sing N N 60  
ASP C   O    doub N N 61  
ASP C   OXT  sing N N 62  
ASP CB  CG   sing N N 63  
ASP CB  HB2  sing N N 64  
ASP CB  HB3  sing N N 65  
ASP CG  OD1  doub N N 66  
ASP CG  OD2  sing N N 67  
ASP OD2 HD2  sing N N 68  
ASP OXT HXT  sing N N 69  
CYS N   CA   sing N N 70  
CYS N   H    sing N N 71  
CYS N   H2   sing N N 72  
CYS CA  C    sing N N 73  
CYS CA  CB   sing N N 74  
CYS CA  HA   sing N N 75  
CYS C   O    doub N N 76  
CYS C   OXT  sing N N 77  
CYS CB  SG   sing N N 78  
CYS CB  HB2  sing N N 79  
CYS CB  HB3  sing N N 80  
CYS SG  HG   sing N N 81  
CYS OXT HXT  sing N N 82  
GLN N   CA   sing N N 83  
GLN N   H    sing N N 84  
GLN N   H2   sing N N 85  
GLN CA  C    sing N N 86  
GLN CA  CB   sing N N 87  
GLN CA  HA   sing N N 88  
GLN C   O    doub N N 89  
GLN C   OXT  sing N N 90  
GLN CB  CG   sing N N 91  
GLN CB  HB2  sing N N 92  
GLN CB  HB3  sing N N 93  
GLN CG  CD   sing N N 94  
GLN CG  HG2  sing N N 95  
GLN CG  HG3  sing N N 96  
GLN CD  OE1  doub N N 97  
GLN CD  NE2  sing N N 98  
GLN NE2 HE21 sing N N 99  
GLN NE2 HE22 sing N N 100 
GLN OXT HXT  sing N N 101 
GLU N   CA   sing N N 102 
GLU N   H    sing N N 103 
GLU N   H2   sing N N 104 
GLU CA  C    sing N N 105 
GLU CA  CB   sing N N 106 
GLU CA  HA   sing N N 107 
GLU C   O    doub N N 108 
GLU C   OXT  sing N N 109 
GLU CB  CG   sing N N 110 
GLU CB  HB2  sing N N 111 
GLU CB  HB3  sing N N 112 
GLU CG  CD   sing N N 113 
GLU CG  HG2  sing N N 114 
GLU CG  HG3  sing N N 115 
GLU CD  OE1  doub N N 116 
GLU CD  OE2  sing N N 117 
GLU OE2 HE2  sing N N 118 
GLU OXT HXT  sing N N 119 
GLY N   CA   sing N N 120 
GLY N   H    sing N N 121 
GLY N   H2   sing N N 122 
GLY CA  C    sing N N 123 
GLY CA  HA2  sing N N 124 
GLY CA  HA3  sing N N 125 
GLY C   O    doub N N 126 
GLY C   OXT  sing N N 127 
GLY OXT HXT  sing N N 128 
HIS N   CA   sing N N 129 
HIS N   H    sing N N 130 
HIS N   H2   sing N N 131 
HIS CA  C    sing N N 132 
HIS CA  CB   sing N N 133 
HIS CA  HA   sing N N 134 
HIS C   O    doub N N 135 
HIS C   OXT  sing N N 136 
HIS CB  CG   sing N N 137 
HIS CB  HB2  sing N N 138 
HIS CB  HB3  sing N N 139 
HIS CG  ND1  sing Y N 140 
HIS CG  CD2  doub Y N 141 
HIS ND1 CE1  doub Y N 142 
HIS ND1 HD1  sing N N 143 
HIS CD2 NE2  sing Y N 144 
HIS CD2 HD2  sing N N 145 
HIS CE1 NE2  sing Y N 146 
HIS CE1 HE1  sing N N 147 
HIS NE2 HE2  sing N N 148 
HIS OXT HXT  sing N N 149 
HOH O   H1   sing N N 150 
HOH O   H2   sing N N 151 
ILE N   CA   sing N N 152 
ILE N   H    sing N N 153 
ILE N   H2   sing N N 154 
ILE CA  C    sing N N 155 
ILE CA  CB   sing N N 156 
ILE CA  HA   sing N N 157 
ILE C   O    doub N N 158 
ILE C   OXT  sing N N 159 
ILE CB  CG1  sing N N 160 
ILE CB  CG2  sing N N 161 
ILE CB  HB   sing N N 162 
ILE CG1 CD1  sing N N 163 
ILE CG1 HG12 sing N N 164 
ILE CG1 HG13 sing N N 165 
ILE CG2 HG21 sing N N 166 
ILE CG2 HG22 sing N N 167 
ILE CG2 HG23 sing N N 168 
ILE CD1 HD11 sing N N 169 
ILE CD1 HD12 sing N N 170 
ILE CD1 HD13 sing N N 171 
ILE OXT HXT  sing N N 172 
LEU N   CA   sing N N 173 
LEU N   H    sing N N 174 
LEU N   H2   sing N N 175 
LEU CA  C    sing N N 176 
LEU CA  CB   sing N N 177 
LEU CA  HA   sing N N 178 
LEU C   O    doub N N 179 
LEU C   OXT  sing N N 180 
LEU CB  CG   sing N N 181 
LEU CB  HB2  sing N N 182 
LEU CB  HB3  sing N N 183 
LEU CG  CD1  sing N N 184 
LEU CG  CD2  sing N N 185 
LEU CG  HG   sing N N 186 
LEU CD1 HD11 sing N N 187 
LEU CD1 HD12 sing N N 188 
LEU CD1 HD13 sing N N 189 
LEU CD2 HD21 sing N N 190 
LEU CD2 HD22 sing N N 191 
LEU CD2 HD23 sing N N 192 
LEU OXT HXT  sing N N 193 
LYS N   CA   sing N N 194 
LYS N   H    sing N N 195 
LYS N   H2   sing N N 196 
LYS CA  C    sing N N 197 
LYS CA  CB   sing N N 198 
LYS CA  HA   sing N N 199 
LYS C   O    doub N N 200 
LYS C   OXT  sing N N 201 
LYS CB  CG   sing N N 202 
LYS CB  HB2  sing N N 203 
LYS CB  HB3  sing N N 204 
LYS CG  CD   sing N N 205 
LYS CG  HG2  sing N N 206 
LYS CG  HG3  sing N N 207 
LYS CD  CE   sing N N 208 
LYS CD  HD2  sing N N 209 
LYS CD  HD3  sing N N 210 
LYS CE  NZ   sing N N 211 
LYS CE  HE2  sing N N 212 
LYS CE  HE3  sing N N 213 
LYS NZ  HZ1  sing N N 214 
LYS NZ  HZ2  sing N N 215 
LYS NZ  HZ3  sing N N 216 
LYS OXT HXT  sing N N 217 
MET N   CA   sing N N 218 
MET N   H    sing N N 219 
MET N   H2   sing N N 220 
MET CA  C    sing N N 221 
MET CA  CB   sing N N 222 
MET CA  HA   sing N N 223 
MET C   O    doub N N 224 
MET C   OXT  sing N N 225 
MET CB  CG   sing N N 226 
MET CB  HB2  sing N N 227 
MET CB  HB3  sing N N 228 
MET CG  SD   sing N N 229 
MET CG  HG2  sing N N 230 
MET CG  HG3  sing N N 231 
MET SD  CE   sing N N 232 
MET CE  HE1  sing N N 233 
MET CE  HE2  sing N N 234 
MET CE  HE3  sing N N 235 
MET OXT HXT  sing N N 236 
PHE N   CA   sing N N 237 
PHE N   H    sing N N 238 
PHE N   H2   sing N N 239 
PHE CA  C    sing N N 240 
PHE CA  CB   sing N N 241 
PHE CA  HA   sing N N 242 
PHE C   O    doub N N 243 
PHE C   OXT  sing N N 244 
PHE CB  CG   sing N N 245 
PHE CB  HB2  sing N N 246 
PHE CB  HB3  sing N N 247 
PHE CG  CD1  doub Y N 248 
PHE CG  CD2  sing Y N 249 
PHE CD1 CE1  sing Y N 250 
PHE CD1 HD1  sing N N 251 
PHE CD2 CE2  doub Y N 252 
PHE CD2 HD2  sing N N 253 
PHE CE1 CZ   doub Y N 254 
PHE CE1 HE1  sing N N 255 
PHE CE2 CZ   sing Y N 256 
PHE CE2 HE2  sing N N 257 
PHE CZ  HZ   sing N N 258 
PHE OXT HXT  sing N N 259 
PRO N   CA   sing N N 260 
PRO N   CD   sing N N 261 
PRO N   H    sing N N 262 
PRO CA  C    sing N N 263 
PRO CA  CB   sing N N 264 
PRO CA  HA   sing N N 265 
PRO C   O    doub N N 266 
PRO C   OXT  sing N N 267 
PRO CB  CG   sing N N 268 
PRO CB  HB2  sing N N 269 
PRO CB  HB3  sing N N 270 
PRO CG  CD   sing N N 271 
PRO CG  HG2  sing N N 272 
PRO CG  HG3  sing N N 273 
PRO CD  HD2  sing N N 274 
PRO CD  HD3  sing N N 275 
PRO OXT HXT  sing N N 276 
SER N   CA   sing N N 277 
SER N   H    sing N N 278 
SER N   H2   sing N N 279 
SER CA  C    sing N N 280 
SER CA  CB   sing N N 281 
SER CA  HA   sing N N 282 
SER C   O    doub N N 283 
SER C   OXT  sing N N 284 
SER CB  OG   sing N N 285 
SER CB  HB2  sing N N 286 
SER CB  HB3  sing N N 287 
SER OG  HG   sing N N 288 
SER OXT HXT  sing N N 289 
THR N   CA   sing N N 290 
THR N   H    sing N N 291 
THR N   H2   sing N N 292 
THR CA  C    sing N N 293 
THR CA  CB   sing N N 294 
THR CA  HA   sing N N 295 
THR C   O    doub N N 296 
THR C   OXT  sing N N 297 
THR CB  OG1  sing N N 298 
THR CB  CG2  sing N N 299 
THR CB  HB   sing N N 300 
THR OG1 HG1  sing N N 301 
THR CG2 HG21 sing N N 302 
THR CG2 HG22 sing N N 303 
THR CG2 HG23 sing N N 304 
THR OXT HXT  sing N N 305 
TRP N   CA   sing N N 306 
TRP N   H    sing N N 307 
TRP N   H2   sing N N 308 
TRP CA  C    sing N N 309 
TRP CA  CB   sing N N 310 
TRP CA  HA   sing N N 311 
TRP C   O    doub N N 312 
TRP C   OXT  sing N N 313 
TRP CB  CG   sing N N 314 
TRP CB  HB2  sing N N 315 
TRP CB  HB3  sing N N 316 
TRP CG  CD1  doub Y N 317 
TRP CG  CD2  sing Y N 318 
TRP CD1 NE1  sing Y N 319 
TRP CD1 HD1  sing N N 320 
TRP CD2 CE2  doub Y N 321 
TRP CD2 CE3  sing Y N 322 
TRP NE1 CE2  sing Y N 323 
TRP NE1 HE1  sing N N 324 
TRP CE2 CZ2  sing Y N 325 
TRP CE3 CZ3  doub Y N 326 
TRP CE3 HE3  sing N N 327 
TRP CZ2 CH2  doub Y N 328 
TRP CZ2 HZ2  sing N N 329 
TRP CZ3 CH2  sing Y N 330 
TRP CZ3 HZ3  sing N N 331 
TRP CH2 HH2  sing N N 332 
TRP OXT HXT  sing N N 333 
VAL N   CA   sing N N 334 
VAL N   H    sing N N 335 
VAL N   H2   sing N N 336 
VAL CA  C    sing N N 337 
VAL CA  CB   sing N N 338 
VAL CA  HA   sing N N 339 
VAL C   O    doub N N 340 
VAL C   OXT  sing N N 341 
VAL CB  CG1  sing N N 342 
VAL CB  CG2  sing N N 343 
VAL CB  HB   sing N N 344 
VAL CG1 HG11 sing N N 345 
VAL CG1 HG12 sing N N 346 
VAL CG1 HG13 sing N N 347 
VAL CG2 HG21 sing N N 348 
VAL CG2 HG22 sing N N 349 
VAL CG2 HG23 sing N N 350 
VAL OXT HXT  sing N N 351 
# 
_atom_sites.entry_id                    1AIL 
_atom_sites.fract_transf_matrix[1][1]   -0.00307376 
_atom_sites.fract_transf_matrix[1][2]   -0.01998677 
_atom_sites.fract_transf_matrix[1][3]   0.01613980 
_atom_sites.fract_transf_matrix[2][1]   0.02560444 
_atom_sites.fract_transf_matrix[2][2]   -0.00105972 
_atom_sites.fract_transf_matrix[2][3]   0.00356396 
_atom_sites.fract_transf_matrix[3][1]   -0.00097508 
_atom_sites.fract_transf_matrix[3][2]   0.00764177 
_atom_sites.fract_transf_matrix[3][3]   0.00927750 
_atom_sites.fract_transf_vector[1]      0.565663 
_atom_sites.fract_transf_vector[2]      0.434981 
_atom_sites.fract_transf_vector[3]      0.423866 
# 
loop_
_atom_type.symbol 
C 
N 
O 
S 
# 
loop_
_atom_site.group_PDB 
_atom_site.id 
_atom_site.type_symbol 
_atom_site.label_atom_id 
_atom_site.label_alt_id 
_atom_site.label_comp_id 
_atom_site.label_asym_id 
_atom_site.label_entity_id 
_atom_site.label_seq_id 
_atom_site.pdbx_PDB_ins_code 
_atom_site.Cartn_x 
_atom_site.Cartn_y 
_atom_site.Cartn_z 
_atom_site.occupancy 
_atom_site.B_iso_or_equiv 
_atom_site.pdbx_formal_charge 
_atom_site.auth_seq_id 
_atom_site.auth_comp_id 
_atom_site.auth_asym_id 
_atom_site.auth_atom_id 
_atom_site.pdbx_PDB_model_num 
ATOM   1   N N   . MET A 1 1  ? 5.946   -1.910  -18.763 1.00 39.43 ? 1   MET A N   1 
ATOM   2   C CA  . MET A 1 1  ? 5.944   -1.596  -17.303 1.00 37.11 ? 1   MET A CA  1 
ATOM   3   C C   . MET A 1 1  ? 7.359   -1.309  -16.810 1.00 34.95 ? 1   MET A C   1 
ATOM   4   O O   . MET A 1 1  ? 8.193   -2.225  -16.821 1.00 33.33 ? 1   MET A O   1 
ATOM   5   C CB  . MET A 1 1  ? 5.419   -2.809  -16.534 1.00 39.22 ? 1   MET A CB  1 
ATOM   6   C CG  . MET A 1 1  ? 4.809   -2.500  -15.177 1.00 40.41 ? 1   MET A CG  1 
ATOM   7   S SD  . MET A 1 1  ? 4.215   -4.047  -14.451 1.00 43.32 ? 1   MET A SD  1 
ATOM   8   C CE  . MET A 1 1  ? 2.761   -4.327  -15.467 1.00 43.21 ? 1   MET A CE  1 
ATOM   9   N N   . ASP A 1 2  ? 7.618   -0.085  -16.363 1.00 32.03 ? 2   ASP A N   1 
ATOM   10  C CA  . ASP A 1 2  ? 8.950   0.249   -15.861 1.00 29.06 ? 2   ASP A CA  1 
ATOM   11  C C   . ASP A 1 2  ? 9.177   -0.389  -14.502 1.00 25.84 ? 2   ASP A C   1 
ATOM   12  O O   . ASP A 1 2  ? 8.247   -0.604  -13.704 1.00 21.31 ? 2   ASP A O   1 
ATOM   13  C CB  . ASP A 1 2  ? 9.144   1.769   -15.730 1.00 33.29 ? 2   ASP A CB  1 
ATOM   14  C CG  . ASP A 1 2  ? 8.952   2.486   -17.056 1.00 37.60 ? 2   ASP A CG  1 
ATOM   15  O OD1 . ASP A 1 2  ? 9.377   1.843   -18.053 1.00 38.61 ? 2   ASP A OD1 1 
ATOM   16  O OD2 . ASP A 1 2  ? 8.429   3.628   -17.118 1.00 37.98 ? 2   ASP A OD2 1 
ATOM   17  N N   . SER A 1 3  ? 10.455  -0.648  -14.201 1.00 20.77 ? 3   SER A N   1 
ATOM   18  C CA  . SER A 1 3  ? 10.790  -1.187  -12.887 1.00 20.44 ? 3   SER A CA  1 
ATOM   19  C C   . SER A 1 3  ? 10.259  -0.310  -11.760 1.00 17.38 ? 3   SER A C   1 
ATOM   20  O O   . SER A 1 3  ? 9.714   -0.805  -10.763 1.00 16.34 ? 3   SER A O   1 
ATOM   21  C CB  . SER A 1 3  ? 12.326  -1.286  -12.807 1.00 23.65 ? 3   SER A CB  1 
ATOM   22  O OG  . SER A 1 3  ? 12.699  -1.864  -11.562 1.00 28.37 ? 3   SER A OG  1 
ATOM   23  N N   . ASN A 1 4  ? 10.403  1.014   -11.897 1.00 15.29 ? 4   ASN A N   1 
ATOM   24  C CA  . ASN A 1 4  ? 9.970   1.919   -10.848 1.00 15.92 ? 4   ASN A CA  1 
ATOM   25  C C   . ASN A 1 4  ? 8.478   1.952   -10.633 1.00 14.27 ? 4   ASN A C   1 
ATOM   26  O O   . ASN A 1 4  ? 8.030   2.254   -9.522  1.00 12.99 ? 4   ASN A O   1 
ATOM   27  C CB  . ASN A 1 4  ? 10.547  3.332   -11.024 1.00 18.34 ? 4   ASN A CB  1 
ATOM   28  C CG  . ASN A 1 4  ? 12.003  3.308   -10.579 1.00 23.13 ? 4   ASN A CG  1 
ATOM   29  O OD1 . ASN A 1 4  ? 12.595  2.242   -10.337 1.00 26.66 ? 4   ASN A OD1 1 
ATOM   30  N ND2 . ASN A 1 4  ? 12.643  4.460   -10.416 1.00 25.52 ? 4   ASN A ND2 1 
ATOM   31  N N   . THR A 1 5  ? 7.678   1.661   -11.662 1.00 13.58 ? 5   THR A N   1 
ATOM   32  C CA  . THR A 1 5  ? 6.224   1.648   -11.480 1.00 11.58 ? 5   THR A CA  1 
ATOM   33  C C   . THR A 1 5  ? 5.901   0.465   -10.571 1.00 12.37 ? 5   THR A C   1 
ATOM   34  O O   . THR A 1 5  ? 5.089   0.599   -9.670  1.00 13.11 ? 5   THR A O   1 
ATOM   35  C CB  . THR A 1 5  ? 5.522   1.594   -12.838 1.00 14.46 ? 5   THR A CB  1 
ATOM   36  O OG1 . THR A 1 5  ? 5.779   2.870   -13.454 1.00 12.60 ? 5   THR A OG1 1 
ATOM   37  C CG2 . THR A 1 5  ? 4.029   1.334   -12.741 1.00 13.76 ? 5   THR A CG2 1 
ATOM   38  N N   . VAL A 1 6  ? 6.597   -0.658  -10.732 1.00 11.09 ? 6   VAL A N   1 
ATOM   39  C CA  . VAL A 1 6  ? 6.392   -1.816  -9.901  1.00 10.53 ? 6   VAL A CA  1 
ATOM   40  C C   . VAL A 1 6  ? 6.824   -1.531  -8.460  1.00 12.01 ? 6   VAL A C   1 
ATOM   41  O O   . VAL A 1 6  ? 6.008   -1.753  -7.551  1.00 10.60 ? 6   VAL A O   1 
ATOM   42  C CB  . VAL A 1 6  ? 7.182   -3.042  -10.404 1.00 12.62 ? 6   VAL A CB  1 
ATOM   43  C CG1 . VAL A 1 6  ? 6.920   -4.250  -9.503  1.00 12.65 ? 6   VAL A CG1 1 
ATOM   44  C CG2 . VAL A 1 6  ? 6.808   -3.371  -11.852 1.00 11.04 ? 6   VAL A CG2 1 
ATOM   45  N N   . SER A 1 7  ? 8.017   -0.959  -8.257  1.00 9.22  ? 7   SER A N   1 
ATOM   46  C CA  . SER A 1 7  ? 8.438   -0.759  -6.846  1.00 9.91  ? 7   SER A CA  1 
ATOM   47  C C   . SER A 1 7  ? 7.552   0.294   -6.192  1.00 9.83  ? 7   SER A C   1 
ATOM   48  O O   . SER A 1 7  ? 7.232   0.163   -4.987  1.00 11.46 ? 7   SER A O   1 
ATOM   49  C CB  . SER A 1 7  ? 9.937   -0.407  -6.824  1.00 13.34 ? 7   SER A CB  1 
ATOM   50  O OG  . SER A 1 7  ? 10.185  0.648   -7.749  1.00 15.22 ? 7   SER A OG  1 
ATOM   51  N N   . SER A 1 8  ? 7.096   1.265   -6.978  1.00 8.49  ? 8   SER A N   1 
ATOM   52  C CA  . SER A 1 8  ? 6.218   2.292   -6.385  1.00 9.73  ? 8   SER A CA  1 
ATOM   53  C C   . SER A 1 8  ? 4.907   1.661   -5.894  1.00 10.16 ? 8   SER A C   1 
ATOM   54  O O   . SER A 1 8  ? 4.390   1.992   -4.802  1.00 10.01 ? 8   SER A O   1 
ATOM   55  C CB  . SER A 1 8  ? 5.943   3.441   -7.331  1.00 8.18  ? 8   SER A CB  1 
ATOM   56  O OG  . SER A 1 8  ? 7.130   4.199   -7.624  1.00 8.88  ? 8   SER A OG  1 
ATOM   57  N N   . PHE A 1 9  ? 4.357   0.764   -6.695  1.00 9.42  ? 9   PHE A N   1 
ATOM   58  C CA  . PHE A 1 9  ? 3.107   0.093   -6.317  1.00 9.82  ? 9   PHE A CA  1 
ATOM   59  C C   . PHE A 1 9  ? 3.334   -0.775  -5.102  1.00 9.47  ? 9   PHE A C   1 
ATOM   60  O O   . PHE A 1 9  ? 2.495   -0.803  -4.165  1.00 8.36  ? 9   PHE A O   1 
ATOM   61  C CB  . PHE A 1 9  ? 2.561   -0.650  -7.538  1.00 12.63 ? 9   PHE A CB  1 
ATOM   62  C CG  . PHE A 1 9  ? 1.266   -1.402  -7.249  1.00 12.14 ? 9   PHE A CG  1 
ATOM   63  C CD1 . PHE A 1 9  ? 0.062   -0.726  -7.202  1.00 11.67 ? 9   PHE A CD1 1 
ATOM   64  C CD2 . PHE A 1 9  ? 1.334   -2.774  -7.033  1.00 11.93 ? 9   PHE A CD2 1 
ATOM   65  C CE1 . PHE A 1 9  ? -1.110  -1.437  -6.933  1.00 14.96 ? 9   PHE A CE1 1 
ATOM   66  C CE2 . PHE A 1 9  ? 0.165   -3.467  -6.758  1.00 12.18 ? 9   PHE A CE2 1 
ATOM   67  C CZ  . PHE A 1 9  ? -1.058  -2.801  -6.707  1.00 12.58 ? 9   PHE A CZ  1 
ATOM   68  N N   . GLN A 1 10 ? 4.456   -1.512  -5.057  1.00 5.91  ? 10  GLN A N   1 
ATOM   69  C CA  . GLN A 1 10 ? 4.699   -2.392  -3.924  1.00 8.00  ? 10  GLN A CA  1 
ATOM   70  C C   . GLN A 1 10 ? 4.761   -1.608  -2.607  1.00 9.18  ? 10  GLN A C   1 
ATOM   71  O O   . GLN A 1 10 ? 4.173   -1.999  -1.594  1.00 8.80  ? 10  GLN A O   1 
ATOM   72  C CB  . GLN A 1 10 ? 6.018   -3.181  -4.112  1.00 8.15  ? 10  GLN A CB  1 
ATOM   73  C CG  . GLN A 1 10 ? 5.811   -4.161  -5.287  1.00 11.61 ? 10  GLN A CG  1 
ATOM   74  C CD  . GLN A 1 10 ? 7.109   -4.700  -5.861  1.00 12.70 ? 10  GLN A CD  1 
ATOM   75  O OE1 . GLN A 1 10 ? 8.109   -3.997  -5.875  1.00 12.69 ? 10  GLN A OE1 1 
ATOM   76  N NE2 . GLN A 1 10 ? 7.068   -5.940  -6.367  1.00 13.69 ? 10  GLN A NE2 1 
ATOM   77  N N   . VAL A 1 11 ? 5.498   -0.519  -2.664  1.00 8.65  ? 11  VAL A N   1 
ATOM   78  C CA  . VAL A 1 11 ? 5.653   0.339   -1.474  1.00 7.79  ? 11  VAL A CA  1 
ATOM   79  C C   . VAL A 1 11 ? 4.280   0.846   -1.063  1.00 8.00  ? 11  VAL A C   1 
ATOM   80  O O   . VAL A 1 11 ? 3.921   0.881   0.121   1.00 5.98  ? 11  VAL A O   1 
ATOM   81  C CB  . VAL A 1 11 ? 6.615   1.518   -1.759  1.00 9.29  ? 11  VAL A CB  1 
ATOM   82  C CG1 . VAL A 1 11 ? 6.486   2.574   -0.629  1.00 10.14 ? 11  VAL A CG1 1 
ATOM   83  C CG2 . VAL A 1 11 ? 8.048   1.047   -1.865  1.00 9.76  ? 11  VAL A CG2 1 
ATOM   84  N N   . ASP A 1 12 ? 3.497   1.396   -1.988  1.00 6.10  ? 12  ASP A N   1 
ATOM   85  C CA  . ASP A 1 12 ? 2.189   1.964   -1.690  1.00 6.37  ? 12  ASP A CA  1 
ATOM   86  C C   . ASP A 1 12 ? 1.243   0.903   -1.128  1.00 8.22  ? 12  ASP A C   1 
ATOM   87  O O   . ASP A 1 12 ? 0.526   1.175   -0.162  1.00 7.77  ? 12  ASP A O   1 
ATOM   88  C CB  . ASP A 1 12 ? 1.596   2.603   -2.938  1.00 8.82  ? 12  ASP A CB  1 
ATOM   89  C CG  . ASP A 1 12 ? 2.033   4.036   -3.243  1.00 9.59  ? 12  ASP A CG  1 
ATOM   90  O OD1 . ASP A 1 12 ? 2.617   4.745   -2.408  1.00 9.67  ? 12  ASP A OD1 1 
ATOM   91  O OD2 . ASP A 1 12 ? 1.699   4.475   -4.370  1.00 9.51  ? 12  ASP A OD2 1 
ATOM   92  N N   . CYS A 1 13 ? 1.325   -0.354  -1.582  1.00 8.87  ? 13  CYS A N   1 
ATOM   93  C CA  . CYS A 1 13 ? 0.511   -1.428  -1.041  1.00 8.65  ? 13  CYS A CA  1 
ATOM   94  C C   . CYS A 1 13 ? 0.906   -1.686  0.430   1.00 9.32  ? 13  CYS A C   1 
ATOM   95  O O   . CYS A 1 13 ? 0.019   -1.856  1.288   1.00 10.09 ? 13  CYS A O   1 
ATOM   96  C CB  . CYS A 1 13 ? 0.743   -2.726  -1.820  1.00 9.38  ? 13  CYS A CB  1 
ATOM   97  S SG  . CYS A 1 13 ? -0.210  -2.734  -3.384  1.00 12.68 ? 13  CYS A SG  1 
ATOM   98  N N   . PHE A 1 14 ? 2.216   -1.730  0.667   1.00 6.41  ? 14  PHE A N   1 
ATOM   99  C CA  . PHE A 1 14 ? 2.631   -2.015  2.052   1.00 7.98  ? 14  PHE A CA  1 
ATOM   100 C C   . PHE A 1 14 ? 2.272   -0.833  2.966   1.00 9.29  ? 14  PHE A C   1 
ATOM   101 O O   . PHE A 1 14 ? 1.785   -1.076  4.071   1.00 8.90  ? 14  PHE A O   1 
ATOM   102 C CB  . PHE A 1 14 ? 4.145   -2.308  2.107   1.00 9.63  ? 14  PHE A CB  1 
ATOM   103 C CG  . PHE A 1 14 ? 4.604   -2.534  3.537   1.00 11.75 ? 14  PHE A CG  1 
ATOM   104 C CD1 . PHE A 1 14 ? 4.059   -3.583  4.270   1.00 14.05 ? 14  PHE A CD1 1 
ATOM   105 C CD2 . PHE A 1 14 ? 5.507   -1.668  4.099   1.00 12.80 ? 14  PHE A CD2 1 
ATOM   106 C CE1 . PHE A 1 14 ? 4.439   -3.756  5.610   1.00 14.08 ? 14  PHE A CE1 1 
ATOM   107 C CE2 . PHE A 1 14 ? 5.904   -1.872  5.426   1.00 13.96 ? 14  PHE A CE2 1 
ATOM   108 C CZ  . PHE A 1 14 ? 5.357   -2.876  6.162   1.00 12.18 ? 14  PHE A CZ  1 
ATOM   109 N N   . LEU A 1 15 ? 2.520   0.395   2.495   1.00 8.60  ? 15  LEU A N   1 
ATOM   110 C CA  . LEU A 1 15 ? 2.144   1.534   3.387   1.00 10.11 ? 15  LEU A CA  1 
ATOM   111 C C   . LEU A 1 15 ? 0.670   1.598   3.655   1.00 11.66 ? 15  LEU A C   1 
ATOM   112 O O   . LEU A 1 15 ? 0.261   2.005   4.747   1.00 10.40 ? 15  LEU A O   1 
ATOM   113 C CB  . LEU A 1 15 ? 2.726   2.829   2.831   1.00 9.71  ? 15  LEU A CB  1 
ATOM   114 C CG  . LEU A 1 15 ? 4.265   2.846   2.792   1.00 12.00 ? 15  LEU A CG  1 
ATOM   115 C CD1 . LEU A 1 15 ? 4.722   4.249   2.469   1.00 11.88 ? 15  LEU A CD1 1 
ATOM   116 C CD2 . LEU A 1 15 ? 4.888   2.344   4.106   1.00 12.89 ? 15  LEU A CD2 1 
ATOM   117 N N   . TRP A 1 16 ? -0.156  1.234   2.641   1.00 10.10 ? 16  TRP A N   1 
ATOM   118 C CA  . TRP A 1 16 ? -1.599  1.129   2.888   1.00 11.67 ? 16  TRP A CA  1 
ATOM   119 C C   . TRP A 1 16 ? -1.888  0.111   3.992   1.00 11.89 ? 16  TRP A C   1 
ATOM   120 O O   . TRP A 1 16 ? -2.703  0.334   4.885   1.00 10.50 ? 16  TRP A O   1 
ATOM   121 C CB  . TRP A 1 16 ? -2.363  0.688   1.612   1.00 11.01 ? 16  TRP A CB  1 
ATOM   122 C CG  . TRP A 1 16 ? -3.844  0.842   1.835   1.00 12.55 ? 16  TRP A CG  1 
ATOM   123 C CD1 . TRP A 1 16 ? -4.590  1.966   1.650   1.00 11.44 ? 16  TRP A CD1 1 
ATOM   124 C CD2 . TRP A 1 16 ? -4.728  -0.157  2.346   1.00 12.12 ? 16  TRP A CD2 1 
ATOM   125 N NE1 . TRP A 1 16 ? -5.903  1.708   1.985   1.00 13.02 ? 16  TRP A NE1 1 
ATOM   126 C CE2 . TRP A 1 16 ? -5.980  0.411   2.455   1.00 11.16 ? 16  TRP A CE2 1 
ATOM   127 C CE3 . TRP A 1 16 ? -4.524  -1.486  2.768   1.00 13.99 ? 16  TRP A CE3 1 
ATOM   128 C CZ2 . TRP A 1 16 ? -7.099  -0.273  2.947   1.00 12.91 ? 16  TRP A CZ2 1 
ATOM   129 C CZ3 . TRP A 1 16 ? -5.631  -2.183  3.237   1.00 14.31 ? 16  TRP A CZ3 1 
ATOM   130 C CH2 . TRP A 1 16 ? -6.900  -1.581  3.306   1.00 13.66 ? 16  TRP A CH2 1 
ATOM   131 N N   . HIS A 1 17 ? -1.244  -1.043  3.996   1.00 10.82 ? 17  HIS A N   1 
ATOM   132 C CA  . HIS A 1 17 ? -1.416  -2.062  5.042   1.00 12.32 ? 17  HIS A CA  1 
ATOM   133 C C   . HIS A 1 17 ? -1.040  -1.488  6.403   1.00 11.12 ? 17  HIS A C   1 
ATOM   134 O O   . HIS A 1 17 ? -1.751  -1.742  7.383   1.00 10.80 ? 17  HIS A O   1 
ATOM   135 C CB  . HIS A 1 17 ? -0.551  -3.275  4.711   1.00 13.21 ? 17  HIS A CB  1 
ATOM   136 C CG  . HIS A 1 17 ? -0.458  -4.273  5.836   1.00 17.77 ? 17  HIS A CG  1 
ATOM   137 N ND1 . HIS A 1 17 ? -1.438  -5.182  6.122   1.00 17.70 ? 17  HIS A ND1 1 
ATOM   138 C CD2 . HIS A 1 17 ? 0.516   -4.467  6.759   1.00 19.87 ? 17  HIS A CD2 1 
ATOM   139 C CE1 . HIS A 1 17 ? -1.094  -5.908  7.166   1.00 20.78 ? 17  HIS A CE1 1 
ATOM   140 N NE2 . HIS A 1 17 ? 0.092   -5.486  7.582   1.00 21.79 ? 17  HIS A NE2 1 
ATOM   141 N N   . VAL A 1 18 ? 0.034   -0.694  6.457   1.00 9.41  ? 18  VAL A N   1 
ATOM   142 C CA  . VAL A 1 18 ? 0.400   -0.097  7.767   1.00 10.77 ? 18  VAL A CA  1 
ATOM   143 C C   . VAL A 1 18 ? -0.689  0.845   8.244   1.00 11.32 ? 18  VAL A C   1 
ATOM   144 O O   . VAL A 1 18 ? -1.077  0.865   9.439   1.00 8.66  ? 18  VAL A O   1 
ATOM   145 C CB  . VAL A 1 18 ? 1.719   0.690   7.613   1.00 13.28 ? 18  VAL A CB  1 
ATOM   146 C CG1 . VAL A 1 18 ? 2.108   1.451   8.891   1.00 12.99 ? 18  VAL A CG1 1 
ATOM   147 C CG2 . VAL A 1 18 ? 2.889   -0.253  7.248   1.00 11.82 ? 18  VAL A CG2 1 
ATOM   148 N N   . ARG A 1 19 ? -1.203  1.669   7.289   1.00 9.14  ? 19  ARG A N   1 
ATOM   149 C CA  . ARG A 1 19 ? -2.248  2.635   7.671   1.00 9.38  ? 19  ARG A CA  1 
ATOM   150 C C   . ARG A 1 19 ? -3.502  1.924   8.167   1.00 11.54 ? 19  ARG A C   1 
ATOM   151 O O   . ARG A 1 19 ? -4.213  2.309   9.099   1.00 8.63  ? 19  ARG A O   1 
ATOM   152 C CB  . ARG A 1 19 ? -2.468  3.596   6.497   1.00 11.24 ? 19  ARG A CB  1 
ATOM   153 C CG  . ARG A 1 19 ? -1.295  4.620   6.339   1.00 9.68  ? 19  ARG A CG  1 
ATOM   154 C CD  . ARG A 1 19 ? -1.278  5.037   4.841   1.00 13.96 ? 19  ARG A CD  1 
ATOM   155 N NE  . ARG A 1 19 ? -2.473  5.638   4.358   1.00 15.87 ? 19  ARG A NE  1 
ATOM   156 C CZ  . ARG A 1 19 ? -2.977  5.793   3.134   1.00 14.37 ? 19  ARG A CZ  1 
ATOM   157 N NH1 . ARG A 1 19 ? -2.409  5.327   2.032   1.00 13.62 ? 19  ARG A NH1 1 
ATOM   158 N NH2 . ARG A 1 19 ? -4.122  6.423   3.046   1.00 10.36 ? 19  ARG A NH2 1 
ATOM   159 N N   . LYS A 1 20 ? -3.854  0.801   7.539   1.00 10.39 ? 20  LYS A N   1 
ATOM   160 C CA  . LYS A 1 20 ? -4.993  -0.027  7.955   1.00 13.09 ? 20  LYS A CA  1 
ATOM   161 C C   . LYS A 1 20 ? -4.812  -0.551  9.368   1.00 11.03 ? 20  LYS A C   1 
ATOM   162 O O   . LYS A 1 20 ? -5.790  -0.538  10.165  1.00 12.36 ? 20  LYS A O   1 
ATOM   163 C CB  . LYS A 1 20 ? -5.200  -1.160  6.933   1.00 13.30 ? 20  LYS A CB  1 
ATOM   164 C CG  . LYS A 1 20 ? -6.152  -2.255  7.429   1.00 18.79 ? 20  LYS A CG  1 
ATOM   165 C CD  . LYS A 1 20 ? -7.607  -1.856  7.306   1.00 21.60 ? 20  LYS A CD  1 
ATOM   166 C CE  . LYS A 1 20 ? -8.447  -3.134  7.413   1.00 25.43 ? 20  LYS A CE  1 
ATOM   167 N NZ  . LYS A 1 20 ? -9.487  -2.966  8.488   1.00 26.07 ? 20  LYS A NZ  1 
ATOM   168 N N   . GLN A 1 21 ? -3.598  -0.969  9.739   1.00 11.89 ? 21  GLN A N   1 
ATOM   169 C CA  . GLN A 1 21 ? -3.346  -1.390  11.094  1.00 13.50 ? 21  GLN A CA  1 
ATOM   170 C C   . GLN A 1 21 ? -3.488  -0.225  12.083  1.00 13.12 ? 21  GLN A C   1 
ATOM   171 O O   . GLN A 1 21 ? -3.932  -0.457  13.204  1.00 11.61 ? 21  GLN A O   1 
ATOM   172 C CB  . GLN A 1 21 ? -1.953  -2.004  11.268  1.00 15.36 ? 21  GLN A CB  1 
ATOM   173 C CG  . GLN A 1 21 ? -1.649  -3.239  10.412  1.00 19.30 ? 21  GLN A CG  1 
ATOM   174 C CD  . GLN A 1 21 ? -2.820  -4.191  10.433  1.00 21.76 ? 21  GLN A CD  1 
ATOM   175 O OE1 . GLN A 1 21 ? -3.187  -4.646  11.515  1.00 22.74 ? 21  GLN A OE1 1 
ATOM   176 N NE2 . GLN A 1 21 ? -3.385  -4.401  9.258   1.00 25.10 ? 21  GLN A NE2 1 
ATOM   177 N N   . VAL A 1 22 ? -3.101  0.992   11.681  1.00 12.48 ? 22  VAL A N   1 
ATOM   178 C CA  . VAL A 1 22 ? -3.231  2.156   12.569  1.00 12.13 ? 22  VAL A CA  1 
ATOM   179 C C   . VAL A 1 22 ? -4.711  2.343   12.849  1.00 13.38 ? 22  VAL A C   1 
ATOM   180 O O   . VAL A 1 22 ? -5.114  2.572   13.986  1.00 13.17 ? 22  VAL A O   1 
ATOM   181 C CB  . VAL A 1 22 ? -2.566  3.406   11.946  1.00 12.09 ? 22  VAL A CB  1 
ATOM   182 C CG1 . VAL A 1 22 ? -3.007  4.677   12.632  1.00 12.55 ? 22  VAL A CG1 1 
ATOM   183 C CG2 . VAL A 1 22 ? -1.049  3.256   11.916  1.00 11.31 ? 22  VAL A CG2 1 
ATOM   184 N N   . VAL A 1 23 ? -5.564  2.273   11.816  1.00 13.88 ? 23  VAL A N   1 
ATOM   185 C CA  . VAL A 1 23 ? -7.002  2.381   11.987  1.00 12.89 ? 23  VAL A CA  1 
ATOM   186 C C   . VAL A 1 23 ? -7.554  1.248   12.837  1.00 14.15 ? 23  VAL A C   1 
ATOM   187 O O   . VAL A 1 23 ? -8.452  1.500   13.649  1.00 10.17 ? 23  VAL A O   1 
ATOM   188 C CB  . VAL A 1 23 ? -7.705  2.398   10.608  1.00 14.82 ? 23  VAL A CB  1 
ATOM   189 C CG1 . VAL A 1 23 ? -9.177  2.051   10.671  1.00 16.01 ? 23  VAL A CG1 1 
ATOM   190 C CG2 . VAL A 1 23 ? -7.441  3.760   9.950   1.00 14.17 ? 23  VAL A CG2 1 
ATOM   191 N N   . ASP A 1 24 ? -7.113  0.009   12.721  1.00 13.82 ? 24  ASP A N   1 
ATOM   192 C CA  . ASP A 1 24 ? -7.589  -1.094  13.535  1.00 15.66 ? 24  ASP A CA  1 
ATOM   193 C C   . ASP A 1 24 ? -7.163  -0.919  14.984  1.00 15.96 ? 24  ASP A C   1 
ATOM   194 O O   . ASP A 1 24 ? -7.835  -1.388  15.896  1.00 15.93 ? 24  ASP A O   1 
ATOM   195 C CB  . ASP A 1 24 ? -7.044  -2.439  13.016  1.00 18.81 ? 24  ASP A CB  1 
ATOM   196 C CG  . ASP A 1 24 ? -7.720  -2.915  11.745  1.00 21.58 ? 24  ASP A CG  1 
ATOM   197 O OD1 . ASP A 1 24 ? -8.739  -2.352  11.308  1.00 20.75 ? 24  ASP A OD1 1 
ATOM   198 O OD2 . ASP A 1 24 ? -7.192  -3.890  11.134  1.00 23.49 ? 24  ASP A OD2 1 
ATOM   199 N N   . GLN A 1 25 ? -6.127  -0.121  15.261  1.00 13.43 ? 25  GLN A N   1 
ATOM   200 C CA  . GLN A 1 25 ? -5.699  0.174   16.594  1.00 16.28 ? 25  GLN A CA  1 
ATOM   201 C C   . GLN A 1 25 ? -6.427  1.392   17.160  1.00 14.28 ? 25  GLN A C   1 
ATOM   202 O O   . GLN A 1 25 ? -6.102  1.840   18.255  1.00 13.59 ? 25  GLN A O   1 
ATOM   203 C CB  . GLN A 1 25 ? -4.173  0.451   16.568  1.00 20.53 ? 25  GLN A CB  1 
ATOM   204 C CG  . GLN A 1 25 ? -3.339  -0.777  16.305  1.00 26.73 ? 25  GLN A CG  1 
ATOM   205 C CD  . GLN A 1 25 ? -3.284  -1.748  17.445  1.00 31.60 ? 25  GLN A CD  1 
ATOM   206 O OE1 . GLN A 1 25 ? -2.690  -1.478  18.495  1.00 35.18 ? 25  GLN A OE1 1 
ATOM   207 N NE2 . GLN A 1 25 ? -3.904  -2.916  17.245  1.00 33.86 ? 25  GLN A NE2 1 
ATOM   208 N N   . GLU A 1 26 ? -7.404  1.917   16.431  1.00 12.39 ? 26  GLU A N   1 
ATOM   209 C CA  . GLU A 1 26 ? -8.218  3.056   16.819  1.00 11.17 ? 26  GLU A CA  1 
ATOM   210 C C   . GLU A 1 26 ? -7.370  4.306   16.989  1.00 12.83 ? 26  GLU A C   1 
ATOM   211 O O   . GLU A 1 26 ? -7.630  5.136   17.868  1.00 14.92 ? 26  GLU A O   1 
ATOM   212 C CB  . GLU A 1 26 ? -9.058  2.780   18.090  1.00 12.16 ? 26  GLU A CB  1 
ATOM   213 C CG  . GLU A 1 26 ? -9.956  1.558   17.891  1.00 12.58 ? 26  GLU A CG  1 
ATOM   214 C CD  . GLU A 1 26 ? -10.811 1.207   19.107  1.00 13.85 ? 26  GLU A CD  1 
ATOM   215 O OE1 . GLU A 1 26 ? -11.163 2.107   19.883  1.00 12.41 ? 26  GLU A OE1 1 
ATOM   216 O OE2 . GLU A 1 26 ? -11.103 -0.005  19.244  1.00 11.66 ? 26  GLU A OE2 1 
ATOM   217 N N   . LEU A 1 27 ? -6.384  4.489   16.134  1.00 10.15 ? 27  LEU A N   1 
ATOM   218 C CA  . LEU A 1 27 ? -5.514  5.662   16.208  1.00 13.11 ? 27  LEU A CA  1 
ATOM   219 C C   . LEU A 1 27 ? -5.769  6.653   15.066  1.00 13.06 ? 27  LEU A C   1 
ATOM   220 O O   . LEU A 1 27 ? -5.125  7.688   15.039  1.00 15.14 ? 27  LEU A O   1 
ATOM   221 C CB  . LEU A 1 27 ? -4.052  5.189   16.093  1.00 13.84 ? 27  LEU A CB  1 
ATOM   222 C CG  . LEU A 1 27 ? -3.551  4.354   17.290  1.00 14.92 ? 27  LEU A CG  1 
ATOM   223 C CD1 . LEU A 1 27 ? -2.111  3.923   17.013  1.00 16.64 ? 27  LEU A CD1 1 
ATOM   224 C CD2 . LEU A 1 27 ? -3.650  5.127   18.586  1.00 18.97 ? 27  LEU A CD2 1 
ATOM   225 N N   . GLY A 1 28 ? -6.703  6.375   14.182  1.00 12.53 ? 28  GLY A N   1 
ATOM   226 C CA  . GLY A 1 28 ? -6.929  7.267   13.044  1.00 14.86 ? 28  GLY A CA  1 
ATOM   227 C C   . GLY A 1 28 ? -8.100  8.226   13.257  1.00 14.84 ? 28  GLY A C   1 
ATOM   228 O O   . GLY A 1 28 ? -9.095  7.830   13.872  1.00 13.55 ? 28  GLY A O   1 
ATOM   229 N N   . ASP A 1 29 ? -7.983  9.431   12.719  1.00 11.75 ? 29  ASP A N   1 
ATOM   230 C CA  . ASP A 1 29 ? -9.101  10.374  12.819  1.00 12.57 ? 29  ASP A CA  1 
ATOM   231 C C   . ASP A 1 29 ? -9.960  10.254  11.578  1.00 11.65 ? 29  ASP A C   1 
ATOM   232 O O   . ASP A 1 29 ? -9.704  9.410   10.706  1.00 12.18 ? 29  ASP A O   1 
ATOM   233 C CB  . ASP A 1 29 ? -8.638  11.793  13.144  1.00 12.60 ? 29  ASP A CB  1 
ATOM   234 C CG  . ASP A 1 29 ? -7.812  12.455  12.069  1.00 13.27 ? 29  ASP A CG  1 
ATOM   235 O OD1 . ASP A 1 29 ? -7.531  11.902  10.996  1.00 11.65 ? 29  ASP A OD1 1 
ATOM   236 O OD2 . ASP A 1 29 ? -7.375  13.587  12.365  1.00 11.15 ? 29  ASP A OD2 1 
ATOM   237 N N   . ALA A 1 30 ? -11.013 11.055  11.438  1.00 10.95 ? 30  ALA A N   1 
ATOM   238 C CA  . ALA A 1 30 ? -11.932 10.887  10.293  1.00 11.57 ? 30  ALA A CA  1 
ATOM   239 C C   . ALA A 1 30 ? -11.273 11.065  8.939   1.00 10.17 ? 30  ALA A C   1 
ATOM   240 O O   . ALA A 1 30 ? -11.457 10.212  8.038   1.00 9.93  ? 30  ALA A O   1 
ATOM   241 C CB  . ALA A 1 30 ? -13.189 11.744  10.516  1.00 10.99 ? 30  ALA A CB  1 
ATOM   242 N N   . PRO A 1 31 ? -10.511 12.132  8.738   1.00 9.67  ? 31  PRO A N   1 
ATOM   243 C CA  . PRO A 1 31 ? -9.836  12.375  7.469   1.00 9.93  ? 31  PRO A CA  1 
ATOM   244 C C   . PRO A 1 31 ? -8.792  11.308  7.204   1.00 10.25 ? 31  PRO A C   1 
ATOM   245 O O   . PRO A 1 31 ? -8.665  10.877  6.048   1.00 11.24 ? 31  PRO A O   1 
ATOM   246 C CB  . PRO A 1 31 ? -9.200  13.760  7.627   1.00 12.38 ? 31  PRO A CB  1 
ATOM   247 C CG  . PRO A 1 31 ? -9.984  14.409  8.736   1.00 14.70 ? 31  PRO A CG  1 
ATOM   248 C CD  . PRO A 1 31 ? -10.311 13.267  9.661   1.00 11.97 ? 31  PRO A CD  1 
ATOM   249 N N   . PHE A 1 32 ? -8.161  10.733  8.231   1.00 9.86  ? 32  PHE A N   1 
ATOM   250 C CA  . PHE A 1 32 ? -7.211  9.626   8.010   1.00 9.81  ? 32  PHE A CA  1 
ATOM   251 C C   . PHE A 1 32 ? -7.948  8.400   7.475   1.00 11.21 ? 32  PHE A C   1 
ATOM   252 O O   . PHE A 1 32 ? -7.524  7.700   6.528   1.00 9.75  ? 32  PHE A O   1 
ATOM   253 C CB  . PHE A 1 32 ? -6.493  9.254   9.316   1.00 9.11  ? 32  PHE A CB  1 
ATOM   254 C CG  . PHE A 1 32 ? -5.363  8.249   9.208   1.00 8.75  ? 32  PHE A CG  1 
ATOM   255 C CD1 . PHE A 1 32 ? -5.576  6.883   9.338   1.00 9.38  ? 32  PHE A CD1 1 
ATOM   256 C CD2 . PHE A 1 32 ? -4.055  8.691   9.025   1.00 9.27  ? 32  PHE A CD2 1 
ATOM   257 C CE1 . PHE A 1 32 ? -4.510  5.998   9.289   1.00 10.45 ? 32  PHE A CE1 1 
ATOM   258 C CE2 . PHE A 1 32 ? -2.984  7.814   8.954   1.00 8.85  ? 32  PHE A CE2 1 
ATOM   259 C CZ  . PHE A 1 32 ? -3.204  6.446   9.078   1.00 11.25 ? 32  PHE A CZ  1 
ATOM   260 N N   . LEU A 1 33 ? -9.143  8.154   8.036   1.00 10.11 ? 33  LEU A N   1 
ATOM   261 C CA  . LEU A 1 33 ? -9.968  7.042   7.568   1.00 11.53 ? 33  LEU A CA  1 
ATOM   262 C C   . LEU A 1 33 ? -10.438 7.266   6.131   1.00 11.39 ? 33  LEU A C   1 
ATOM   263 O O   . LEU A 1 33 ? -10.550 6.328   5.332   1.00 10.56 ? 33  LEU A O   1 
ATOM   264 C CB  . LEU A 1 33 ? -11.184 6.965   8.491   1.00 14.77 ? 33  LEU A CB  1 
ATOM   265 C CG  . LEU A 1 33 ? -11.676 5.602   8.885   1.00 23.06 ? 33  LEU A CG  1 
ATOM   266 C CD1 . LEU A 1 33 ? -11.063 5.223   10.221  1.00 24.11 ? 33  LEU A CD1 1 
ATOM   267 C CD2 . LEU A 1 33 ? -13.201 5.554   8.999   1.00 23.51 ? 33  LEU A CD2 1 
ATOM   268 N N   . ASP A 1 34 ? -10.843 8.505   5.827   1.00 10.79 ? 34  ASP A N   1 
ATOM   269 C CA  . ASP A 1 34 ? -11.262 8.823   4.457   1.00 13.33 ? 34  ASP A CA  1 
ATOM   270 C C   . ASP A 1 34 ? -10.155 8.612   3.426   1.00 12.87 ? 34  ASP A C   1 
ATOM   271 O O   . ASP A 1 34 ? -10.388 8.057   2.341   1.00 12.16 ? 34  ASP A O   1 
ATOM   272 C CB  . ASP A 1 34 ? -11.750 10.281  4.462   1.00 18.92 ? 34  ASP A CB  1 
ATOM   273 C CG  . ASP A 1 34 ? -12.393 10.547  3.097   1.00 24.81 ? 34  ASP A CG  1 
ATOM   274 O OD1 . ASP A 1 34 ? -13.261 9.703   2.756   1.00 29.33 ? 34  ASP A OD1 1 
ATOM   275 O OD2 . ASP A 1 34 ? -12.044 11.532  2.421   1.00 27.97 ? 34  ASP A OD2 1 
ATOM   276 N N   . ARG A 1 35 ? -8.926  9.010   3.739   1.00 10.91 ? 35  ARG A N   1 
ATOM   277 C CA  . ARG A 1 35 ? -7.784  8.746   2.846   1.00 10.82 ? 35  ARG A CA  1 
ATOM   278 C C   . ARG A 1 35 ? -7.547  7.232   2.721   1.00 12.61 ? 35  ARG A C   1 
ATOM   279 O O   . ARG A 1 35 ? -7.166  6.750   1.656   1.00 9.59  ? 35  ARG A O   1 
ATOM   280 C CB  . ARG A 1 35 ? -6.502  9.416   3.356   1.00 11.75 ? 35  ARG A CB  1 
ATOM   281 C CG  . ARG A 1 35 ? -6.579  10.944  3.276   1.00 12.30 ? 35  ARG A CG  1 
ATOM   282 C CD  . ARG A 1 35 ? -5.274  11.601  3.657   1.00 12.66 ? 35  ARG A CD  1 
ATOM   283 N NE  . ARG A 1 35 ? -4.879  11.473  5.057   1.00 8.64  ? 35  ARG A NE  1 
ATOM   284 C CZ  . ARG A 1 35 ? -5.256  12.279  6.033   1.00 9.95  ? 35  ARG A CZ  1 
ATOM   285 N NH1 . ARG A 1 35 ? -6.139  13.258  5.746   1.00 10.12 ? 35  ARG A NH1 1 
ATOM   286 N NH2 . ARG A 1 35 ? -4.790  12.117  7.250   1.00 8.80  ? 35  ARG A NH2 1 
ATOM   287 N N   . LEU A 1 36 ? -7.723  6.487   3.795   1.00 9.43  ? 36  LEU A N   1 
ATOM   288 C CA  . LEU A 1 36 ? -7.549  5.020   3.718   1.00 11.92 ? 36  LEU A CA  1 
ATOM   289 C C   . LEU A 1 36 ? -8.558  4.410   2.746   1.00 12.97 ? 36  LEU A C   1 
ATOM   290 O O   . LEU A 1 36 ? -8.227  3.595   1.858   1.00 11.50 ? 36  LEU A O   1 
ATOM   291 C CB  . LEU A 1 36 ? -7.715  4.443   5.134   1.00 11.20 ? 36  LEU A CB  1 
ATOM   292 C CG  . LEU A 1 36 ? -7.400  2.924   5.203   1.00 12.13 ? 36  LEU A CG  1 
ATOM   293 C CD1 . LEU A 1 36 ? -5.880  2.781   5.309   1.00 11.70 ? 36  LEU A CD1 1 
ATOM   294 C CD2 . LEU A 1 36 ? -8.167  2.223   6.298   1.00 12.11 ? 36  LEU A CD2 1 
ATOM   295 N N   . ARG A 1 37 ? -9.822  4.838   2.854   1.00 11.12 ? 37  ARG A N   1 
ATOM   296 C CA  . ARG A 1 37 ? -10.858 4.308   1.953   1.00 14.38 ? 37  ARG A CA  1 
ATOM   297 C C   . ARG A 1 37 ? -10.601 4.691   0.496   1.00 14.05 ? 37  ARG A C   1 
ATOM   298 O O   . ARG A 1 37 ? -10.703 3.860   -0.399  1.00 14.04 ? 37  ARG A O   1 
ATOM   299 C CB  . ARG A 1 37 ? -12.222 4.880   2.401   1.00 17.76 ? 37  ARG A CB  1 
ATOM   300 C CG  . ARG A 1 37 ? -12.627 4.328   3.769   1.00 24.74 ? 37  ARG A CG  1 
ATOM   301 C CD  . ARG A 1 37 ? -14.155 4.560   3.919   1.00 30.46 ? 37  ARG A CD  1 
ATOM   302 N NE  . ARG A 1 37 ? -14.315 5.972   4.305   1.00 34.75 ? 37  ARG A NE  1 
ATOM   303 C CZ  . ARG A 1 37 ? -14.832 6.264   5.505   1.00 37.76 ? 37  ARG A CZ  1 
ATOM   304 N NH1 . ARG A 1 37 ? -15.224 5.258   6.279   1.00 39.00 ? 37  ARG A NH1 1 
ATOM   305 N NH2 . ARG A 1 37 ? -14.967 7.525   5.873   1.00 39.46 ? 37  ARG A NH2 1 
ATOM   306 N N   . ARG A 1 38 ? -10.285 5.955   0.226   1.00 12.98 ? 38  ARG A N   1 
ATOM   307 C CA  . ARG A 1 38 ? -10.029 6.409   -1.136  1.00 14.91 ? 38  ARG A CA  1 
ATOM   308 C C   . ARG A 1 38 ? -8.843  5.679   -1.743  1.00 13.54 ? 38  ARG A C   1 
ATOM   309 O O   . ARG A 1 38 ? -8.901  5.205   -2.884  1.00 12.87 ? 38  ARG A O   1 
ATOM   310 C CB  . ARG A 1 38 ? -9.764  7.917   -1.116  1.00 20.62 ? 38  ARG A CB  1 
ATOM   311 C CG  . ARG A 1 38 ? -11.091 8.688   -0.991  1.00 25.55 ? 38  ARG A CG  1 
ATOM   312 C CD  . ARG A 1 38 ? -10.763 10.158  -1.269  1.00 30.95 ? 38  ARG A CD  1 
ATOM   313 N NE  . ARG A 1 38 ? -11.356 11.029  -0.254  1.00 34.63 ? 38  ARG A NE  1 
ATOM   314 C CZ  . ARG A 1 38 ? -11.880 12.209  -0.600  1.00 37.50 ? 38  ARG A CZ  1 
ATOM   315 N NH1 . ARG A 1 38 ? -11.832 12.572  -1.880  1.00 38.39 ? 38  ARG A NH1 1 
ATOM   316 N NH2 . ARG A 1 38 ? -12.434 13.016  0.307   1.00 37.98 ? 38  ARG A NH2 1 
ATOM   317 N N   . ASP A 1 39 ? -7.765  5.579   -0.964  1.00 12.53 ? 39  ASP A N   1 
ATOM   318 C CA  . ASP A 1 39 ? -6.552  4.918   -1.462  1.00 12.10 ? 39  ASP A CA  1 
ATOM   319 C C   . ASP A 1 39 ? -6.761  3.429   -1.709  1.00 12.34 ? 39  ASP A C   1 
ATOM   320 O O   . ASP A 1 39 ? -6.061  2.836   -2.570  1.00 13.76 ? 39  ASP A O   1 
ATOM   321 C CB  . ASP A 1 39 ? -5.358  5.144   -0.532  1.00 13.34 ? 39  ASP A CB  1 
ATOM   322 C CG  . ASP A 1 39 ? -4.862  6.577   -0.579  1.00 15.44 ? 39  ASP A CG  1 
ATOM   323 O OD1 . ASP A 1 39 ? -5.243  7.366   -1.471  1.00 14.62 ? 39  ASP A OD1 1 
ATOM   324 O OD2 . ASP A 1 39 ? -4.063  6.945   0.300   1.00 15.49 ? 39  ASP A OD2 1 
ATOM   325 N N   . GLN A 1 40 ? -7.625  2.769   -0.936  1.00 10.58 ? 40  GLN A N   1 
ATOM   326 C CA  . GLN A 1 40 ? -7.819  1.329   -1.187  1.00 14.66 ? 40  GLN A CA  1 
ATOM   327 C C   . GLN A 1 40 ? -8.421  1.178   -2.595  1.00 13.78 ? 40  GLN A C   1 
ATOM   328 O O   . GLN A 1 40 ? -8.074  0.250   -3.304  1.00 12.37 ? 40  GLN A O   1 
ATOM   329 C CB  . GLN A 1 40 ? -8.792  0.744   -0.155  1.00 18.29 ? 40  GLN A CB  1 
ATOM   330 C CG  . GLN A 1 40 ? -9.088  -0.732  -0.422  1.00 21.57 ? 40  GLN A CG  1 
ATOM   331 C CD  . GLN A 1 40 ? -9.763  -1.474  0.695   1.00 24.04 ? 40  GLN A CD  1 
ATOM   332 O OE1 . GLN A 1 40 ? -10.618 -0.974  1.434   1.00 27.07 ? 40  GLN A OE1 1 
ATOM   333 N NE2 . GLN A 1 40 ? -9.379  -2.744  0.875   1.00 25.74 ? 40  GLN A NE2 1 
ATOM   334 N N   . LYS A 1 41 ? -9.398  2.042   -2.927  1.00 14.17 ? 41  LYS A N   1 
ATOM   335 C CA  . LYS A 1 41 ? -10.029 1.949   -4.254  1.00 17.05 ? 41  LYS A CA  1 
ATOM   336 C C   . LYS A 1 41 ? -9.026  2.192   -5.372  1.00 14.69 ? 41  LYS A C   1 
ATOM   337 O O   . LYS A 1 41 ? -8.961  1.517   -6.397  1.00 15.17 ? 41  LYS A O   1 
ATOM   338 C CB  . LYS A 1 41 ? -11.135 3.008   -4.382  1.00 21.69 ? 41  LYS A CB  1 
ATOM   339 C CG  . LYS A 1 41 ? -12.306 2.930   -3.443  1.00 25.37 ? 41  LYS A CG  1 
ATOM   340 C CD  . LYS A 1 41 ? -12.675 1.530   -3.002  1.00 29.01 ? 41  LYS A CD  1 
ATOM   341 C CE  . LYS A 1 41 ? -13.231 1.559   -1.572  1.00 31.53 ? 41  LYS A CE  1 
ATOM   342 N NZ  . LYS A 1 41 ? -12.186 1.619   -0.522  1.00 29.11 ? 41  LYS A NZ  1 
ATOM   343 N N   . SER A 1 42 ? -8.157  3.188   -5.175  1.00 14.47 ? 42  SER A N   1 
ATOM   344 C CA  . SER A 1 42 ? -7.133  3.579   -6.141  1.00 16.66 ? 42  SER A CA  1 
ATOM   345 C C   . SER A 1 42 ? -6.096  2.482   -6.372  1.00 14.89 ? 42  SER A C   1 
ATOM   346 O O   . SER A 1 42 ? -5.690  2.169   -7.506  1.00 11.39 ? 42  SER A O   1 
ATOM   347 C CB  . SER A 1 42 ? -6.466  4.869   -5.620  1.00 19.14 ? 42  SER A CB  1 
ATOM   348 O OG  . SER A 1 42 ? -5.617  5.344   -6.637  1.00 27.72 ? 42  SER A OG  1 
ATOM   349 N N   . LEU A 1 43 ? -5.724  1.843   -5.258  1.00 12.93 ? 43  LEU A N   1 
ATOM   350 C CA  . LEU A 1 43 ? -4.710  0.788   -5.292  1.00 14.93 ? 43  LEU A CA  1 
ATOM   351 C C   . LEU A 1 43 ? -5.231  -0.431  -6.048  1.00 15.19 ? 43  LEU A C   1 
ATOM   352 O O   . LEU A 1 43 ? -4.518  -1.091  -6.817  1.00 14.17 ? 43  LEU A O   1 
ATOM   353 C CB  . LEU A 1 43 ? -4.348  0.393   -3.847  1.00 15.51 ? 43  LEU A CB  1 
ATOM   354 C CG  . LEU A 1 43 ? -3.279  1.283   -3.218  1.00 19.89 ? 43  LEU A CG  1 
ATOM   355 C CD1 . LEU A 1 43 ? -3.143  0.910   -1.733  1.00 19.67 ? 43  LEU A CD1 1 
ATOM   356 C CD2 . LEU A 1 43 ? -1.951  1.102   -3.944  1.00 19.37 ? 43  LEU A CD2 1 
ATOM   357 N N   . ARG A 1 44 ? -6.501  -0.772  -5.809  1.00 13.21 ? 44  ARG A N   1 
ATOM   358 C CA  . ARG A 1 44 ? -7.123  -1.906  -6.508  1.00 15.25 ? 44  ARG A CA  1 
ATOM   359 C C   . ARG A 1 44 ? -7.196  -1.650  -8.008  1.00 13.83 ? 44  ARG A C   1 
ATOM   360 O O   . ARG A 1 44 ? -6.991  -2.552  -8.830  1.00 13.00 ? 44  ARG A O   1 
ATOM   361 C CB  . ARG A 1 44 ? -8.542  -2.185  -5.966  1.00 18.87 ? 44  ARG A CB  1 
ATOM   362 C CG  . ARG A 1 44 ? -8.454  -2.771  -4.562  1.00 23.82 ? 44  ARG A CG  1 
ATOM   363 C CD  . ARG A 1 44 ? -9.035  -4.188  -4.512  1.00 27.72 ? 44  ARG A CD  1 
ATOM   364 N NE  . ARG A 1 44 ? -8.378  -4.973  -3.474  1.00 30.23 ? 44  ARG A NE  1 
ATOM   365 C CZ  . ARG A 1 44 ? -7.997  -6.236  -3.681  1.00 30.57 ? 44  ARG A CZ  1 
ATOM   366 N NH1 . ARG A 1 44 ? -8.210  -6.824  -4.847  1.00 31.78 ? 44  ARG A NH1 1 
ATOM   367 N NH2 . ARG A 1 44 ? -7.394  -6.869  -2.696  1.00 31.91 ? 44  ARG A NH2 1 
ATOM   368 N N   . GLY A 1 45 ? -7.506  -0.417  -8.385  1.00 12.30 ? 45  GLY A N   1 
ATOM   369 C CA  . GLY A 1 45 ? -7.513  -0.066  -9.803  1.00 15.10 ? 45  GLY A CA  1 
ATOM   370 C C   . GLY A 1 45 ? -6.121  -0.133  -10.407 1.00 13.59 ? 45  GLY A C   1 
ATOM   371 O O   . GLY A 1 45 ? -5.980  -0.658  -11.527 1.00 14.87 ? 45  GLY A O   1 
ATOM   372 N N   . ARG A 1 46 ? -5.083  0.325   -9.706  1.00 13.40 ? 46  ARG A N   1 
ATOM   373 C CA  . ARG A 1 46 ? -3.704  0.296   -10.208 1.00 12.78 ? 46  ARG A CA  1 
ATOM   374 C C   . ARG A 1 46 ? -3.219  -1.152  -10.319 1.00 13.78 ? 46  ARG A C   1 
ATOM   375 O O   . ARG A 1 46 ? -2.595  -1.537  -11.320 1.00 13.58 ? 46  ARG A O   1 
ATOM   376 C CB  . ARG A 1 46 ? -2.723  1.065   -9.296  1.00 12.12 ? 46  ARG A CB  1 
ATOM   377 C CG  . ARG A 1 46 ? -2.815  2.587   -9.445  1.00 13.70 ? 46  ARG A CG  1 
ATOM   378 C CD  . ARG A 1 46 ? -2.218  3.267   -8.206  1.00 12.10 ? 46  ARG A CD  1 
ATOM   379 N NE  . ARG A 1 46 ? -0.783  3.051   -8.132  1.00 13.00 ? 46  ARG A NE  1 
ATOM   380 C CZ  . ARG A 1 46 ? -0.039  3.309   -7.042  1.00 14.15 ? 46  ARG A CZ  1 
ATOM   381 N NH1 . ARG A 1 46 ? -0.590  3.829   -5.984  1.00 12.85 ? 46  ARG A NH1 1 
ATOM   382 N NH2 . ARG A 1 46 ? 1.265   3.079   -7.019  1.00 9.85  ? 46  ARG A NH2 1 
ATOM   383 N N   . GLY A 1 47 ? -3.644  -1.949  -9.347  1.00 11.42 ? 47  GLY A N   1 
ATOM   384 C CA  . GLY A 1 47 ? -3.278  -3.375  -9.314  1.00 14.27 ? 47  GLY A CA  1 
ATOM   385 C C   . GLY A 1 47 ? -3.919  -4.102  -10.519 1.00 16.29 ? 47  GLY A C   1 
ATOM   386 O O   . GLY A 1 47 ? -3.261  -4.926  -11.161 1.00 16.71 ? 47  GLY A O   1 
ATOM   387 N N   . SER A 1 48 ? -5.162  -3.785  -10.812 1.00 17.37 ? 48  SER A N   1 
ATOM   388 C CA  . SER A 1 48 ? -5.869  -4.344  -11.941 1.00 21.08 ? 48  SER A CA  1 
ATOM   389 C C   . SER A 1 48 ? -5.217  -3.977  -13.257 1.00 20.51 ? 48  SER A C   1 
ATOM   390 O O   . SER A 1 48 ? -5.011  -4.839  -14.128 1.00 21.17 ? 48  SER A O   1 
ATOM   391 C CB  . SER A 1 48 ? -7.343  -3.866  -11.956 1.00 23.94 ? 48  SER A CB  1 
ATOM   392 O OG  . SER A 1 48 ? -8.137  -5.024  -12.206 1.00 30.94 ? 48  SER A OG  1 
ATOM   393 N N   . THR A 1 49 ? -4.914  -2.709  -13.451 1.00 18.61 ? 49  THR A N   1 
ATOM   394 C CA  . THR A 1 49 ? -4.261  -2.162  -14.619 1.00 20.42 ? 49  THR A CA  1 
ATOM   395 C C   . THR A 1 49 ? -2.886  -2.788  -14.853 1.00 21.28 ? 49  THR A C   1 
ATOM   396 O O   . THR A 1 49 ? -2.533  -3.198  -15.977 1.00 21.16 ? 49  THR A O   1 
ATOM   397 C CB  . THR A 1 49 ? -4.073  -0.623  -14.472 1.00 20.45 ? 49  THR A CB  1 
ATOM   398 O OG1 . THR A 1 49 ? -5.398  -0.071  -14.335 1.00 19.75 ? 49  THR A OG1 1 
ATOM   399 C CG2 . THR A 1 49 ? -3.406  0.000   -15.671 1.00 22.87 ? 49  THR A CG2 1 
ATOM   400 N N   . LEU A 1 50 ? -2.079  -2.901  -13.808 1.00 19.43 ? 50  LEU A N   1 
ATOM   401 C CA  . LEU A 1 50 ? -0.740  -3.484  -13.945 1.00 18.78 ? 50  LEU A CA  1 
ATOM   402 C C   . LEU A 1 50 ? -0.746  -5.010  -14.029 1.00 19.10 ? 50  LEU A C   1 
ATOM   403 O O   . LEU A 1 50 ? 0.211   -5.644  -14.496 1.00 18.72 ? 50  LEU A O   1 
ATOM   404 C CB  . LEU A 1 50 ? 0.158   -3.000  -12.809 1.00 19.90 ? 50  LEU A CB  1 
ATOM   405 C CG  . LEU A 1 50 ? 0.334   -1.486  -12.647 1.00 21.49 ? 50  LEU A CG  1 
ATOM   406 C CD1 . LEU A 1 50 ? 1.014   -1.119  -11.330 1.00 20.28 ? 50  LEU A CD1 1 
ATOM   407 C CD2 . LEU A 1 50 ? 1.135   -0.872  -13.794 1.00 22.39 ? 50  LEU A CD2 1 
ATOM   408 N N   . GLY A 1 51 ? -1.793  -5.682  -13.584 1.00 17.25 ? 51  GLY A N   1 
ATOM   409 C CA  . GLY A 1 51 ? -1.895  -7.123  -13.501 1.00 18.21 ? 51  GLY A CA  1 
ATOM   410 C C   . GLY A 1 51 ? -1.050  -7.681  -12.334 1.00 20.69 ? 51  GLY A C   1 
ATOM   411 O O   . GLY A 1 51 ? -0.585  -8.812  -12.436 1.00 18.43 ? 51  GLY A O   1 
ATOM   412 N N   . LEU A 1 52 ? -0.867  -6.907  -11.267 1.00 17.70 ? 52  LEU A N   1 
ATOM   413 C CA  . LEU A 1 52 ? -0.083  -7.309  -10.118 1.00 20.05 ? 52  LEU A CA  1 
ATOM   414 C C   . LEU A 1 52 ? -0.966  -7.759  -8.967  1.00 21.01 ? 52  LEU A C   1 
ATOM   415 O O   . LEU A 1 52 ? -1.938  -7.077  -8.676  1.00 22.11 ? 52  LEU A O   1 
ATOM   416 C CB  . LEU A 1 52 ? 0.772   -6.110  -9.659  1.00 18.72 ? 52  LEU A CB  1 
ATOM   417 C CG  . LEU A 1 52 ? 2.043   -5.873  -10.481 1.00 20.69 ? 52  LEU A CG  1 
ATOM   418 C CD1 . LEU A 1 52 ? 2.804   -4.639  -10.030 1.00 20.28 ? 52  LEU A CD1 1 
ATOM   419 C CD2 . LEU A 1 52 ? 2.950   -7.112  -10.368 1.00 21.22 ? 52  LEU A CD2 1 
ATOM   420 N N   . ASN A 1 53 ? -0.688  -8.892  -8.342  1.00 20.33 ? 53  ASN A N   1 
ATOM   421 C CA  . ASN A 1 53 ? -1.464  -9.420  -7.231  1.00 20.52 ? 53  ASN A CA  1 
ATOM   422 C C   . ASN A 1 53 ? -1.230  -8.540  -5.997  1.00 17.69 ? 53  ASN A C   1 
ATOM   423 O O   . ASN A 1 53 ? -0.046  -8.309  -5.709  1.00 13.84 ? 53  ASN A O   1 
ATOM   424 C CB  . ASN A 1 53 ? -1.040  -10.868 -6.985  1.00 24.57 ? 53  ASN A CB  1 
ATOM   425 C CG  . ASN A 1 53 ? -1.656  -11.548 -5.780  1.00 30.15 ? 53  ASN A CG  1 
ATOM   426 O OD1 . ASN A 1 53 ? -1.494  -11.169 -4.607  1.00 31.81 ? 53  ASN A OD1 1 
ATOM   427 N ND2 . ASN A 1 53 ? -2.372  -12.654 -6.052  1.00 31.24 ? 53  ASN A ND2 1 
ATOM   428 N N   . ILE A 1 54 ? -2.292  -8.049  -5.343  1.00 15.85 ? 54  ILE A N   1 
ATOM   429 C CA  . ILE A 1 54 ? -1.994  -7.062  -4.273  1.00 16.24 ? 54  ILE A CA  1 
ATOM   430 C C   . ILE A 1 54 ? -1.309  -7.688  -3.081  1.00 16.40 ? 54  ILE A C   1 
ATOM   431 O O   . ILE A 1 54 ? -0.436  -7.055  -2.476  1.00 16.57 ? 54  ILE A O   1 
ATOM   432 C CB  . ILE A 1 54 ? -3.281  -6.296  -3.911  1.00 18.17 ? 54  ILE A CB  1 
ATOM   433 C CG1 . ILE A 1 54 ? -3.524  -5.255  -5.006  1.00 19.16 ? 54  ILE A CG1 1 
ATOM   434 C CG2 . ILE A 1 54 ? -3.189  -5.665  -2.531  1.00 17.79 ? 54  ILE A CG2 1 
ATOM   435 C CD1 . ILE A 1 54 ? -4.852  -4.544  -4.941  1.00 21.67 ? 54  ILE A CD1 1 
ATOM   436 N N   . GLU A 1 55 ? -1.639  -8.918  -2.689  1.00 13.45 ? 55  GLU A N   1 
ATOM   437 C CA  . GLU A 1 55 ? -0.992  -9.512  -1.506  1.00 17.10 ? 55  GLU A CA  1 
ATOM   438 C C   . GLU A 1 55 ? 0.489   -9.768  -1.713  1.00 17.28 ? 55  GLU A C   1 
ATOM   439 O O   . GLU A 1 55 ? 1.297   -9.582  -0.803  1.00 16.45 ? 55  GLU A O   1 
ATOM   440 C CB  . GLU A 1 55 ? -1.715  -10.795 -1.093  1.00 20.77 ? 55  GLU A CB  1 
ATOM   441 C CG  . GLU A 1 55 ? -3.158  -10.453 -0.722  1.00 25.65 ? 55  GLU A CG  1 
ATOM   442 C CD  . GLU A 1 55 ? -3.171  -9.709  0.612   1.00 28.86 ? 55  GLU A CD  1 
ATOM   443 O OE1 . GLU A 1 55 ? -2.338  -10.044 1.485   1.00 29.69 ? 55  GLU A OE1 1 
ATOM   444 O OE2 . GLU A 1 55 ? -4.014  -8.789  0.727   1.00 31.32 ? 55  GLU A OE2 1 
ATOM   445 N N   . ALA A 1 56 ? 0.871   -10.186 -2.916  1.00 14.23 ? 56  ALA A N   1 
ATOM   446 C CA  . ALA A 1 56 ? 2.243   -10.396 -3.284  1.00 14.14 ? 56  ALA A CA  1 
ATOM   447 C C   . ALA A 1 56 ? 3.028   -9.075  -3.248  1.00 15.27 ? 56  ALA A C   1 
ATOM   448 O O   . ALA A 1 56 ? 4.139   -9.029  -2.709  1.00 14.36 ? 56  ALA A O   1 
ATOM   449 C CB  . ALA A 1 56 ? 2.298   -10.983 -4.705  1.00 13.65 ? 56  ALA A CB  1 
ATOM   450 N N   . ALA A 1 57 ? 2.427   -8.041  -3.837  1.00 11.84 ? 57  ALA A N   1 
ATOM   451 C CA  . ALA A 1 57 ? 3.035   -6.722  -3.907  1.00 13.46 ? 57  ALA A CA  1 
ATOM   452 C C   . ALA A 1 57 ? 3.221   -6.178  -2.485  1.00 11.52 ? 57  ALA A C   1 
ATOM   453 O O   . ALA A 1 57 ? 4.246   -5.589  -2.213  1.00 11.30 ? 57  ALA A O   1 
ATOM   454 C CB  . ALA A 1 57 ? 2.197   -5.727  -4.714  1.00 11.53 ? 57  ALA A CB  1 
ATOM   455 N N   . THR A 1 58 ? 2.246   -6.387  -1.620  1.00 12.88 ? 58  THR A N   1 
ATOM   456 C CA  . THR A 1 58 ? 2.343   -5.891  -0.230  1.00 12.79 ? 58  THR A CA  1 
ATOM   457 C C   . THR A 1 58 ? 3.571   -6.464  0.463   1.00 14.03 ? 58  THR A C   1 
ATOM   458 O O   . THR A 1 58 ? 4.387   -5.829  1.140   1.00 13.81 ? 58  THR A O   1 
ATOM   459 C CB  . THR A 1 58 ? 1.026   -6.275  0.488   1.00 10.49 ? 58  THR A CB  1 
ATOM   460 O OG1 . THR A 1 58 ? -0.149  -5.667  -0.098  1.00 9.34  ? 58  THR A OG1 1 
ATOM   461 C CG2 . THR A 1 58 ? 1.034   -5.780  1.942   1.00 14.29 ? 58  THR A CG2 1 
ATOM   462 N N   . HIS A 1 59 ? 3.834   -7.757  0.297   1.00 14.68 ? 59  HIS A N   1 
ATOM   463 C CA  . HIS A 1 59 ? 4.958   -8.454  0.867   1.00 18.29 ? 59  HIS A CA  1 
ATOM   464 C C   . HIS A 1 59 ? 6.263   -7.967  0.283   1.00 16.62 ? 59  HIS A C   1 
ATOM   465 O O   . HIS A 1 59 ? 7.203   -7.841  1.061   1.00 17.56 ? 59  HIS A O   1 
ATOM   466 C CB  . HIS A 1 59 ? 4.910   -9.990  0.694   1.00 24.43 ? 59  HIS A CB  1 
ATOM   467 C CG  . HIS A 1 59 ? 3.869   -10.540 1.619   1.00 30.66 ? 59  HIS A CG  1 
ATOM   468 N ND1 . HIS A 1 59 ? 3.913   -10.331 2.989   1.00 33.74 ? 59  HIS A ND1 1 
ATOM   469 C CD2 . HIS A 1 59 ? 2.751   -11.266 1.372   1.00 33.35 ? 59  HIS A CD2 1 
ATOM   470 C CE1 . HIS A 1 59 ? 2.862   -10.914 3.551   1.00 34.54 ? 59  HIS A CE1 1 
ATOM   471 N NE2 . HIS A 1 59 ? 2.146   -11.506 2.583   1.00 36.20 ? 59  HIS A NE2 1 
ATOM   472 N N   . VAL A 1 60 ? 6.340   -7.656  -1.010  1.00 14.21 ? 60  VAL A N   1 
ATOM   473 C CA  . VAL A 1 60 ? 7.593   -7.121  -1.526  1.00 13.03 ? 60  VAL A CA  1 
ATOM   474 C C   . VAL A 1 60 ? 7.775   -5.712  -0.968  1.00 12.61 ? 60  VAL A C   1 
ATOM   475 O O   . VAL A 1 60 ? 8.891   -5.320  -0.660  1.00 11.34 ? 60  VAL A O   1 
ATOM   476 C CB  . VAL A 1 60 ? 7.694   -7.054  -3.062  1.00 14.92 ? 60  VAL A CB  1 
ATOM   477 C CG1 . VAL A 1 60 ? 9.047   -6.458  -3.462  1.00 16.31 ? 60  VAL A CG1 1 
ATOM   478 C CG2 . VAL A 1 60 ? 7.549   -8.440  -3.668  1.00 16.28 ? 60  VAL A CG2 1 
ATOM   479 N N   . GLY A 1 61 ? 6.646   -4.982  -0.874  1.00 11.46 ? 61  GLY A N   1 
ATOM   480 C CA  . GLY A 1 61 ? 6.783   -3.618  -0.311  1.00 11.97 ? 61  GLY A CA  1 
ATOM   481 C C   . GLY A 1 61 ? 7.370   -3.605  1.101   1.00 12.97 ? 61  GLY A C   1 
ATOM   482 O O   . GLY A 1 61 ? 8.131   -2.696  1.501   1.00 12.05 ? 61  GLY A O   1 
ATOM   483 N N   . LYS A 1 62 ? 6.944   -4.556  1.920   1.00 12.46 ? 62  LYS A N   1 
ATOM   484 C CA  . LYS A 1 62 ? 7.507   -4.733  3.255   1.00 13.77 ? 62  LYS A CA  1 
ATOM   485 C C   . LYS A 1 62 ? 9.008   -4.905  3.207   1.00 14.84 ? 62  LYS A C   1 
ATOM   486 O O   . LYS A 1 62 ? 9.718   -4.279  3.992   1.00 13.71 ? 62  LYS A O   1 
ATOM   487 C CB  . LYS A 1 62 ? 6.864   -5.943  3.952   1.00 17.24 ? 62  LYS A CB  1 
ATOM   488 C CG  . LYS A 1 62 ? 7.456   -6.226  5.328   1.00 21.80 ? 62  LYS A CG  1 
ATOM   489 C CD  . LYS A 1 62 ? 6.516   -7.016  6.217   1.00 24.02 ? 62  LYS A CD  1 
ATOM   490 C CE  . LYS A 1 62 ? 6.405   -8.478  5.844   1.00 27.41 ? 62  LYS A CE  1 
ATOM   491 N NZ  . LYS A 1 62 ? 5.201   -8.842  5.026   1.00 29.03 ? 62  LYS A NZ  1 
ATOM   492 N N   . GLN A 1 63 ? 9.502   -5.771  2.308   1.00 14.39 ? 63  GLN A N   1 
ATOM   493 C CA  . GLN A 1 63 ? 10.944  -5.951  2.158   1.00 18.43 ? 63  GLN A CA  1 
ATOM   494 C C   . GLN A 1 63 ? 11.660  -4.688  1.738   1.00 16.21 ? 63  GLN A C   1 
ATOM   495 O O   . GLN A 1 63 ? 12.762  -4.353  2.194   1.00 14.54 ? 63  GLN A O   1 
ATOM   496 C CB  . GLN A 1 63 ? 11.190  -7.062  1.102   1.00 20.70 ? 63  GLN A CB  1 
ATOM   497 C CG  . GLN A 1 63 ? 10.650  -8.406  1.542   1.00 26.17 ? 63  GLN A CG  1 
ATOM   498 C CD  . GLN A 1 63 ? 10.341  -9.392  0.430   1.00 30.63 ? 63  GLN A CD  1 
ATOM   499 O OE1 . GLN A 1 63 ? 10.775  -9.236  -0.719  1.00 33.74 ? 63  GLN A OE1 1 
ATOM   500 N NE2 . GLN A 1 63 ? 9.553   -10.432 0.720   1.00 32.16 ? 63  GLN A NE2 1 
ATOM   501 N N   . ILE A 1 64 ? 11.083  -3.906  0.813   1.00 16.32 ? 64  ILE A N   1 
ATOM   502 C CA  . ILE A 1 64 ? 11.711  -2.667  0.371   1.00 14.37 ? 64  ILE A CA  1 
ATOM   503 C C   . ILE A 1 64 ? 11.841  -1.724  1.548   1.00 15.07 ? 64  ILE A C   1 
ATOM   504 O O   . ILE A 1 64 ? 12.850  -1.040  1.718   1.00 14.42 ? 64  ILE A O   1 
ATOM   505 C CB  . ILE A 1 64 ? 10.895  -1.986  -0.761  1.00 16.14 ? 64  ILE A CB  1 
ATOM   506 C CG1 . ILE A 1 64 ? 11.105  -2.725  -2.095  1.00 19.35 ? 64  ILE A CG1 1 
ATOM   507 C CG2 . ILE A 1 64 ? 11.308  -0.526  -0.916  1.00 16.56 ? 64  ILE A CG2 1 
ATOM   508 C CD1 . ILE A 1 64 ? 10.122  -2.279  -3.165  1.00 18.64 ? 64  ILE A CD1 1 
ATOM   509 N N   . VAL A 1 65 ? 10.752  -1.607  2.332   1.00 14.13 ? 65  VAL A N   1 
ATOM   510 C CA  . VAL A 1 65 ? 10.769  -0.658  3.454   1.00 15.86 ? 65  VAL A CA  1 
ATOM   511 C C   . VAL A 1 65 ? 11.691  -1.134  4.579   1.00 16.80 ? 65  VAL A C   1 
ATOM   512 O O   . VAL A 1 65 ? 12.409  -0.313  5.166   1.00 16.02 ? 65  VAL A O   1 
ATOM   513 C CB  . VAL A 1 65 ? 9.343   -0.375  3.930   1.00 15.59 ? 65  VAL A CB  1 
ATOM   514 C CG1 . VAL A 1 65 ? 9.325   0.379   5.246   1.00 18.43 ? 65  VAL A CG1 1 
ATOM   515 C CG2 . VAL A 1 65 ? 8.663   0.434   2.819   1.00 16.46 ? 65  VAL A CG2 1 
ATOM   516 N N   . GLU A 1 66 ? 11.730  -2.430  4.833   1.00 17.70 ? 66  GLU A N   1 
ATOM   517 C CA  . GLU A 1 66 ? 12.680  -2.943  5.849   1.00 20.47 ? 66  GLU A CA  1 
ATOM   518 C C   . GLU A 1 66 ? 14.104  -2.632  5.451   1.00 21.20 ? 66  GLU A C   1 
ATOM   519 O O   . GLU A 1 66 ? 14.931  -2.246  6.316   1.00 21.21 ? 66  GLU A O   1 
ATOM   520 C CB  . GLU A 1 66 ? 12.474  -4.454  6.080   1.00 21.81 ? 66  GLU A CB  1 
ATOM   521 C CG  . GLU A 1 66 ? 11.264  -4.735  6.968   1.00 24.29 ? 66  GLU A CG  1 
ATOM   522 C CD  . GLU A 1 66 ? 11.058  -6.215  7.265   1.00 26.56 ? 66  GLU A CD  1 
ATOM   523 O OE1 . GLU A 1 66 ? 11.748  -7.063  6.661   1.00 28.29 ? 66  GLU A OE1 1 
ATOM   524 O OE2 . GLU A 1 66 ? 10.189  -6.559  8.072   1.00 27.40 ? 66  GLU A OE2 1 
ATOM   525 N N   . LYS A 1 67 ? 14.460  -2.765  4.172   1.00 21.06 ? 67  LYS A N   1 
ATOM   526 C CA  . LYS A 1 67 ? 15.786  -2.420  3.706   1.00 25.48 ? 67  LYS A CA  1 
ATOM   527 C C   . LYS A 1 67 ? 16.108  -0.959  4.001   1.00 28.57 ? 67  LYS A C   1 
ATOM   528 O O   . LYS A 1 67 ? 17.217  -0.636  4.410   1.00 27.59 ? 67  LYS A O   1 
ATOM   529 C CB  . LYS A 1 67 ? 16.020  -2.699  2.233   1.00 27.88 ? 67  LYS A CB  1 
ATOM   530 C CG  . LYS A 1 67 ? 16.254  -4.145  1.862   1.00 32.25 ? 67  LYS A CG  1 
ATOM   531 C CD  . LYS A 1 67 ? 16.660  -4.284  0.381   1.00 35.99 ? 67  LYS A CD  1 
ATOM   532 C CE  . LYS A 1 67 ? 15.931  -5.427  -0.314  1.00 38.22 ? 67  LYS A CE  1 
ATOM   533 N NZ  . LYS A 1 67 ? 14.821  -4.937  -1.213  1.00 39.62 ? 67  LYS A NZ  1 
ATOM   534 N N   . ILE A 1 68 ? 15.112  -0.091  3.804   1.00 30.38 ? 68  ILE A N   1 
ATOM   535 C CA  . ILE A 1 68 ? 15.280  1.332   4.045   1.00 31.99 ? 68  ILE A CA  1 
ATOM   536 C C   . ILE A 1 68 ? 15.361  1.683   5.501   1.00 31.19 ? 68  ILE A C   1 
ATOM   537 O O   . ILE A 1 68 ? 16.243  2.449   5.883   1.00 31.61 ? 68  ILE A O   1 
ATOM   538 C CB  . ILE A 1 68 ? 14.185  2.091   3.246   1.00 32.60 ? 68  ILE A CB  1 
ATOM   539 C CG1 . ILE A 1 68 ? 14.546  1.981   1.766   1.00 33.14 ? 68  ILE A CG1 1 
ATOM   540 C CG2 . ILE A 1 68 ? 14.037  3.511   3.755   1.00 34.27 ? 68  ILE A CG2 1 
ATOM   541 C CD1 . ILE A 1 68 ? 13.852  2.870   0.767   1.00 33.81 ? 68  ILE A CD1 1 
ATOM   542 N N   . LEU A 1 69 ? 14.597  1.102   6.397   1.00 32.68 ? 69  LEU A N   1 
ATOM   543 C CA  . LEU A 1 69 ? 14.602  1.329   7.825   1.00 35.33 ? 69  LEU A CA  1 
ATOM   544 C C   . LEU A 1 69 ? 15.871  0.833   8.530   1.00 37.86 ? 69  LEU A C   1 
ATOM   545 O O   . LEU A 1 69 ? 16.090  1.095   9.720   1.00 38.84 ? 69  LEU A O   1 
ATOM   546 C CB  . LEU A 1 69 ? 13.384  0.630   8.441   1.00 36.19 ? 69  LEU A CB  1 
ATOM   547 C CG  . LEU A 1 69 ? 12.023  1.286   8.256   1.00 37.57 ? 69  LEU A CG  1 
ATOM   548 C CD1 . LEU A 1 69 ? 10.924  0.493   8.932   1.00 38.44 ? 69  LEU A CD1 1 
ATOM   549 C CD2 . LEU A 1 69 ? 12.054  2.731   8.717   1.00 38.26 ? 69  LEU A CD2 1 
ATOM   550 N N   . LYS A 1 70 ? 16.733  0.101   7.841   1.00 38.20 ? 70  LYS A N   1 
ATOM   551 C CA  . LYS A 1 70 ? 17.979  -0.428  8.382   1.00 39.74 ? 70  LYS A CA  1 
ATOM   552 C C   . LYS A 1 70 ? 19.099  0.597   8.469   1.00 38.58 ? 70  LYS A C   1 
ATOM   553 O O   . LYS A 1 70 ? 19.395  1.333   7.523   1.00 38.96 ? 70  LYS A O   1 
ATOM   554 C CB  . LYS A 1 70 ? 18.373  -1.605  7.488   1.00 40.14 ? 70  LYS A CB  1 
ATOM   555 C CG  . LYS A 1 70 ? 19.373  -2.573  8.062   1.00 41.87 ? 70  LYS A CG  1 
ATOM   556 C CD  . LYS A 1 70 ? 19.962  -3.475  6.997   1.00 43.36 ? 70  LYS A CD  1 
ATOM   557 C CE  . LYS A 1 70 ? 21.173  -2.899  6.311   1.00 45.06 ? 70  LYS A CE  1 
ATOM   558 N NZ  . LYS A 1 70 ? 22.371  -2.708  7.184   1.00 45.94 ? 70  LYS A NZ  1 
HETATM 559 O O   . HOH B 2 .  ? -0.966  1.787   -12.880 1.00 25.43 ? 101 HOH A O   1 
HETATM 560 O O   . HOH B 2 .  ? 0.518   2.547   -10.606 1.00 15.13 ? 102 HOH A O   1 
HETATM 561 O O   . HOH B 2 .  ? 2.964   2.519   -9.430  1.00 12.70 ? 103 HOH A O   1 
HETATM 562 O O   . HOH B 2 .  ? 5.222   1.739   -16.329 1.00 36.64 ? 104 HOH A O   1 
HETATM 563 O O   . HOH B 2 .  ? 8.013   4.775   -14.874 1.00 27.90 ? 105 HOH A O   1 
HETATM 564 O O   . HOH B 2 .  ? 12.074  2.225   -13.981 1.00 37.92 ? 106 HOH A O   1 
HETATM 565 O O   . HOH B 2 .  ? 12.761  -0.223  -9.308  1.00 25.66 ? 107 HOH A O   1 
HETATM 566 O O   . HOH B 2 .  ? 10.511  -4.266  -6.784  1.00 24.99 ? 108 HOH A O   1 
HETATM 567 O O   . HOH B 2 .  ? 5.012   -7.965  -6.573  1.00 25.82 ? 109 HOH A O   1 
HETATM 568 O O   . HOH B 2 .  ? -4.941  -8.744  -6.297  1.00 27.84 ? 110 HOH A O   1 
HETATM 569 O O   . HOH B 2 .  ? -1.982  -3.758  0.871   1.00 25.15 ? 111 HOH A O   1 
HETATM 570 O O   . HOH B 2 .  ? -0.346  3.729   0.391   1.00 22.41 ? 112 HOH A O   1 
HETATM 571 O O   . HOH B 2 .  ? 1.698   5.440   0.197   1.00 20.14 ? 113 HOH A O   1 
HETATM 572 O O   . HOH B 2 .  ? 2.414   7.296   -2.852  1.00 14.63 ? 114 HOH A O   1 
HETATM 573 O O   . HOH B 2 .  ? -3.081  5.605   -5.756  1.00 41.45 ? 115 HOH A O   1 
HETATM 574 O O   . HOH B 2 .  ? -6.518  3.589   -9.923  1.00 22.50 ? 116 HOH A O   1 
HETATM 575 O O   . HOH B 2 .  ? -10.086 2.817   -9.469  1.00 37.68 ? 117 HOH A O   1 
HETATM 576 O O   . HOH B 2 .  ? -9.930  6.677   -5.067  1.00 27.79 ? 118 HOH A O   1 
HETATM 577 O O   . HOH B 2 .  ? -3.046  9.396   0.744   1.00 24.17 ? 119 HOH A O   1 
HETATM 578 O O   . HOH B 2 .  ? -1.806  9.418   3.265   1.00 24.82 ? 120 HOH A O   1 
HETATM 579 O O   . HOH B 2 .  ? -4.841  7.113   5.764   1.00 12.01 ? 121 HOH A O   1 
HETATM 580 O O   . HOH B 2 .  ? -8.025  14.047  3.641   1.00 29.85 ? 122 HOH A O   1 
HETATM 581 O O   . HOH B 2 .  ? -14.128 9.395   7.652   1.00 23.75 ? 123 HOH A O   1 
HETATM 582 O O   . HOH B 2 .  ? -15.491 8.584   9.788   1.00 36.44 ? 124 HOH A O   1 
HETATM 583 O O   . HOH B 2 .  ? -11.891 8.304   14.352  1.00 31.32 ? 125 HOH A O   1 
HETATM 584 O O   . HOH B 2 .  ? -9.122  4.756   14.017  1.00 15.60 ? 126 HOH A O   1 
HETATM 585 O O   . HOH B 2 .  ? -11.278 1.526   14.238  1.00 25.20 ? 127 HOH A O   1 
HETATM 586 O O   . HOH B 2 .  ? -10.068 -2.866  16.007  1.00 27.80 ? 128 HOH A O   1 
HETATM 587 O O   . HOH B 2 .  ? -10.288 -2.350  18.800  1.00 16.95 ? 129 HOH A O   1 
HETATM 588 O O   . HOH B 2 .  ? -12.414 -0.838  21.511  1.00 9.65  ? 130 HOH A O   1 
HETATM 589 O O   . HOH B 2 .  ? -11.875 4.843   19.576  1.00 20.56 ? 131 HOH A O   1 
HETATM 590 O O   . HOH B 2 .  ? 2.021   -6.482  9.764   1.00 33.83 ? 132 HOH A O   1 
HETATM 591 O O   . HOH B 2 .  ? 3.293   -7.170  7.897   1.00 40.79 ? 133 HOH A O   1 
HETATM 592 O O   . HOH B 2 .  ? -0.094  -9.777  -15.020 1.00 18.95 ? 134 HOH A O   1 
# 
